data_1VRY
#
_entry.id   1VRY
#
_cell.length_a   1.000
_cell.length_b   1.000
_cell.length_c   1.000
_cell.angle_alpha   90.00
_cell.angle_beta   90.00
_cell.angle_gamma   90.00
#
_symmetry.space_group_name_H-M   'P 1'
#
_entity_poly.entity_id   1
_entity_poly.type   'polypeptide(L)'
_entity_poly.pdbx_seq_one_letter_code
;LPARVGLGITTVLTLTTQSSGSRASLPKVSYVKAIDIWLAVCLLFVFSALLEYAAVNFVSRKKKKHRLLEHHHHHH
;
_entity_poly.pdbx_strand_id   A
#
# COMPACT_ATOMS: atom_id res chain seq x y z
N LEU A 1 -8.32 -12.97 14.69
CA LEU A 1 -8.90 -12.40 13.43
C LEU A 1 -8.69 -10.89 13.33
N PRO A 2 -9.00 -10.12 14.39
CA PRO A 2 -8.82 -8.65 14.38
C PRO A 2 -7.37 -8.26 14.09
N ALA A 3 -6.44 -8.92 14.77
CA ALA A 3 -5.02 -8.65 14.59
C ALA A 3 -4.58 -8.98 13.16
N ARG A 4 -5.14 -10.03 12.58
CA ARG A 4 -4.82 -10.42 11.20
C ARG A 4 -4.94 -9.22 10.27
N VAL A 5 -5.84 -8.28 10.62
CA VAL A 5 -6.04 -7.07 9.84
C VAL A 5 -4.75 -6.27 9.77
N GLY A 6 -4.44 -5.64 10.90
CA GLY A 6 -3.24 -4.83 11.02
C GLY A 6 -1.99 -5.60 10.62
N LEU A 7 -1.97 -6.88 10.93
CA LEU A 7 -0.84 -7.76 10.59
C LEU A 7 -0.70 -7.92 9.08
N GLY A 8 -1.83 -8.20 8.41
CA GLY A 8 -1.81 -8.36 6.97
C GLY A 8 -1.35 -7.10 6.27
N ILE A 9 -1.88 -5.96 6.70
CA ILE A 9 -1.52 -4.68 6.13
C ILE A 9 -0.05 -4.38 6.36
N THR A 10 0.40 -4.49 7.62
CA THR A 10 1.80 -4.27 7.97
C THR A 10 2.71 -5.15 7.12
N THR A 11 2.23 -6.34 6.76
CA THR A 11 2.98 -7.23 5.91
C THR A 11 3.13 -6.56 4.55
N VAL A 12 2.01 -5.99 4.09
CA VAL A 12 2.00 -5.24 2.84
C VAL A 12 2.93 -4.04 2.97
N LEU A 13 2.82 -3.37 4.12
CA LEU A 13 3.64 -2.23 4.48
C LEU A 13 5.12 -2.55 4.36
N THR A 14 5.50 -3.77 4.77
CA THR A 14 6.88 -4.22 4.67
C THR A 14 7.24 -4.21 3.19
N LEU A 15 6.33 -4.79 2.40
CA LEU A 15 6.49 -4.83 0.95
C LEU A 15 6.53 -3.42 0.37
N THR A 16 5.76 -2.50 0.96
CA THR A 16 5.75 -1.12 0.49
C THR A 16 7.16 -0.56 0.51
N THR A 17 7.91 -0.88 1.57
CA THR A 17 9.28 -0.43 1.74
C THR A 17 10.26 -1.25 0.86
N GLN A 18 10.12 -2.57 0.91
CA GLN A 18 11.00 -3.47 0.15
C GLN A 18 10.70 -3.45 -1.36
N SER A 19 9.44 -3.75 -1.73
CA SER A 19 9.03 -3.78 -3.13
C SER A 19 9.48 -2.52 -3.87
N SER A 20 9.35 -1.36 -3.23
CA SER A 20 9.77 -0.09 -3.84
C SER A 20 11.30 -0.06 -4.01
N GLY A 21 12.01 -0.46 -2.96
CA GLY A 21 13.47 -0.49 -3.00
C GLY A 21 14.09 0.86 -3.37
N SER A 22 13.54 1.94 -2.81
CA SER A 22 14.05 3.28 -3.08
C SER A 22 15.24 3.58 -2.17
N ARG A 23 15.09 3.25 -0.89
CA ARG A 23 16.13 3.45 0.10
C ARG A 23 17.29 2.47 -0.08
N ALA A 24 16.96 1.22 -0.44
CA ALA A 24 17.96 0.18 -0.65
C ALA A 24 19.00 0.60 -1.69
N SER A 25 18.53 1.06 -2.83
CA SER A 25 19.41 1.51 -3.92
C SER A 25 18.60 2.14 -5.05
N LEU A 26 17.67 1.37 -5.62
CA LEU A 26 16.82 1.83 -6.72
C LEU A 26 17.68 2.17 -7.95
N PRO A 27 18.48 1.19 -8.41
CA PRO A 27 19.37 1.38 -9.57
C PRO A 27 18.60 1.63 -10.87
N LYS A 28 17.69 0.70 -11.22
CA LYS A 28 16.89 0.82 -12.43
C LYS A 28 15.90 -0.34 -12.56
N VAL A 29 16.42 -1.57 -12.44
CA VAL A 29 15.57 -2.77 -12.52
C VAL A 29 14.58 -2.80 -11.36
N SER A 30 15.08 -2.53 -10.15
CA SER A 30 14.26 -2.50 -8.95
C SER A 30 13.24 -1.36 -9.02
N TYR A 31 13.55 -0.31 -9.77
CA TYR A 31 12.66 0.84 -9.92
C TYR A 31 11.49 0.49 -10.83
N VAL A 32 11.80 -0.20 -11.93
CA VAL A 32 10.80 -0.62 -12.91
C VAL A 32 9.78 -1.54 -12.27
N LYS A 33 10.26 -2.57 -11.57
CA LYS A 33 9.39 -3.53 -10.90
C LYS A 33 8.70 -2.88 -9.70
N ALA A 34 9.44 -2.08 -8.95
CA ALA A 34 8.90 -1.39 -7.78
C ALA A 34 7.63 -0.64 -8.15
N ILE A 35 7.70 0.14 -9.22
CA ILE A 35 6.55 0.89 -9.69
C ILE A 35 5.63 0.00 -10.50
N ASP A 36 4.87 -0.77 -9.73
CA ASP A 36 3.91 -1.75 -10.23
C ASP A 36 3.56 -2.78 -9.15
N ILE A 37 4.55 -3.09 -8.30
CA ILE A 37 4.38 -4.06 -7.22
C ILE A 37 3.81 -3.44 -5.95
N TRP A 38 4.50 -2.44 -5.41
CA TRP A 38 4.05 -1.78 -4.20
C TRP A 38 2.99 -0.76 -4.54
N LEU A 39 3.07 -0.14 -5.72
CA LEU A 39 2.04 0.81 -6.11
C LEU A 39 0.70 0.08 -6.08
N ALA A 40 0.75 -1.21 -6.39
CA ALA A 40 -0.44 -2.06 -6.31
C ALA A 40 -1.03 -2.03 -4.89
N VAL A 41 -0.14 -1.79 -3.92
CA VAL A 41 -0.52 -1.69 -2.51
C VAL A 41 -0.78 -0.23 -2.15
N CYS A 42 0.17 0.62 -2.53
CA CYS A 42 0.06 2.06 -2.25
C CYS A 42 -1.18 2.66 -2.92
N LEU A 43 -1.43 2.26 -4.16
CA LEU A 43 -2.58 2.75 -4.93
C LEU A 43 -3.90 2.28 -4.33
N LEU A 44 -4.04 0.97 -4.14
CA LEU A 44 -5.26 0.39 -3.58
C LEU A 44 -5.50 0.81 -2.14
N PHE A 45 -4.46 0.79 -1.32
CA PHE A 45 -4.56 1.16 0.09
C PHE A 45 -4.92 2.63 0.28
N VAL A 46 -4.20 3.52 -0.39
CA VAL A 46 -4.46 4.96 -0.28
C VAL A 46 -5.84 5.33 -0.83
N PHE A 47 -6.15 4.84 -2.03
CA PHE A 47 -7.45 5.12 -2.65
C PHE A 47 -8.60 4.63 -1.77
N SER A 48 -8.51 3.37 -1.32
CA SER A 48 -9.54 2.78 -0.47
C SER A 48 -9.68 3.57 0.84
N ALA A 49 -8.56 4.05 1.37
CA ALA A 49 -8.55 4.82 2.61
C ALA A 49 -9.26 6.17 2.42
N LEU A 50 -8.96 6.86 1.33
CA LEU A 50 -9.62 8.14 1.05
C LEU A 50 -11.11 7.89 0.84
N LEU A 51 -11.41 6.83 0.10
CA LEU A 51 -12.79 6.41 -0.14
C LEU A 51 -13.42 6.00 1.19
N GLU A 52 -12.57 5.60 2.15
CA GLU A 52 -13.02 5.19 3.47
C GLU A 52 -13.60 6.39 4.21
N TYR A 53 -12.87 7.51 4.17
CA TYR A 53 -13.34 8.72 4.81
C TYR A 53 -14.48 9.34 4.05
N ALA A 54 -14.37 9.33 2.75
CA ALA A 54 -15.42 9.87 1.92
C ALA A 54 -16.73 9.16 2.26
N ALA A 55 -16.61 7.92 2.72
CA ALA A 55 -17.77 7.13 3.15
C ALA A 55 -18.12 7.55 4.56
N VAL A 56 -17.10 7.96 5.31
CA VAL A 56 -17.25 8.49 6.64
C VAL A 56 -18.39 9.50 6.57
N ASN A 57 -18.44 10.21 5.43
CA ASN A 57 -19.47 11.19 5.15
C ASN A 57 -20.70 10.52 4.52
N PHE A 58 -20.49 9.45 3.72
CA PHE A 58 -21.60 8.74 3.10
C PHE A 58 -22.42 7.98 4.14
N VAL A 59 -21.75 7.08 4.85
CA VAL A 59 -22.39 6.28 5.89
C VAL A 59 -22.68 7.11 7.15
N SER A 60 -21.73 7.95 7.54
CA SER A 60 -21.86 8.80 8.73
C SER A 60 -22.02 7.94 10.00
N ARG A 61 -21.18 6.91 10.11
CA ARG A 61 -21.21 6.01 11.27
C ARG A 61 -20.79 6.74 12.55
N LEU A 1 -10.52 -13.06 13.20
CA LEU A 1 -9.11 -12.78 12.79
C LEU A 1 -8.77 -11.29 12.92
N PRO A 2 -8.91 -10.71 14.14
CA PRO A 2 -8.62 -9.30 14.38
C PRO A 2 -7.15 -8.96 14.09
N ALA A 3 -6.25 -9.77 14.64
CA ALA A 3 -4.82 -9.58 14.43
C ALA A 3 -4.45 -9.70 12.96
N ARG A 4 -5.11 -10.62 12.25
CA ARG A 4 -4.86 -10.81 10.81
C ARG A 4 -4.91 -9.47 10.07
N VAL A 5 -5.71 -8.54 10.61
CA VAL A 5 -5.83 -7.20 10.02
C VAL A 5 -4.49 -6.50 10.02
N GLY A 6 -4.09 -6.08 11.23
CA GLY A 6 -2.82 -5.41 11.41
C GLY A 6 -1.65 -6.20 10.84
N LEU A 7 -1.73 -7.53 10.96
CA LEU A 7 -0.70 -8.42 10.45
C LEU A 7 -0.61 -8.35 8.93
N GLY A 8 -1.78 -8.43 8.27
CA GLY A 8 -1.83 -8.37 6.82
C GLY A 8 -1.28 -7.06 6.29
N ILE A 9 -1.69 -5.95 6.92
CA ILE A 9 -1.25 -4.64 6.53
C ILE A 9 0.25 -4.48 6.75
N THR A 10 0.74 -4.94 7.90
CA THR A 10 2.16 -4.86 8.22
C THR A 10 2.97 -5.70 7.21
N THR A 11 2.35 -6.73 6.66
CA THR A 11 3.00 -7.51 5.66
C THR A 11 3.11 -6.62 4.42
N VAL A 12 2.03 -5.87 4.20
CA VAL A 12 1.94 -4.94 3.07
C VAL A 12 2.89 -3.75 3.19
N LEU A 13 3.01 -3.13 4.37
CA LEU A 13 3.88 -2.00 4.53
C LEU A 13 5.35 -2.43 4.40
N THR A 14 5.63 -3.71 4.75
CA THR A 14 6.96 -4.25 4.61
C THR A 14 7.28 -4.27 3.12
N LEU A 15 6.33 -4.81 2.34
CA LEU A 15 6.47 -4.87 0.89
C LEU A 15 6.53 -3.44 0.32
N THR A 16 5.78 -2.52 0.90
CA THR A 16 5.78 -1.14 0.46
C THR A 16 7.21 -0.59 0.44
N THR A 17 7.98 -0.92 1.49
CA THR A 17 9.35 -0.48 1.60
C THR A 17 10.30 -1.32 0.73
N GLN A 18 10.15 -2.65 0.79
CA GLN A 18 11.01 -3.57 0.04
C GLN A 18 10.66 -3.60 -1.45
N SER A 19 9.41 -3.91 -1.77
CA SER A 19 8.94 -3.99 -3.16
C SER A 19 9.31 -2.73 -3.96
N SER A 20 9.17 -1.56 -3.32
CA SER A 20 9.51 -0.28 -3.97
C SER A 20 11.00 -0.21 -4.32
N GLY A 21 11.84 -0.84 -3.50
CA GLY A 21 13.28 -0.83 -3.73
C GLY A 21 13.94 0.39 -3.12
N SER A 22 13.53 0.72 -1.89
CA SER A 22 14.08 1.87 -1.16
C SER A 22 15.29 1.45 -0.32
N ARG A 23 15.26 0.20 0.15
CA ARG A 23 16.33 -0.34 0.98
C ARG A 23 17.71 -0.10 0.36
N ALA A 24 17.88 -0.48 -0.91
CA ALA A 24 19.14 -0.30 -1.62
C ALA A 24 19.06 -0.75 -3.07
N SER A 25 18.56 -1.97 -3.29
CA SER A 25 18.44 -2.52 -4.63
C SER A 25 17.44 -1.73 -5.47
N LEU A 26 17.91 -1.21 -6.61
CA LEU A 26 17.06 -0.43 -7.51
C LEU A 26 17.84 -0.05 -8.78
N PRO A 27 18.42 -1.04 -9.49
CA PRO A 27 19.19 -0.78 -10.72
C PRO A 27 18.32 -0.36 -11.90
N LYS A 28 17.27 -1.14 -12.16
CA LYS A 28 16.34 -0.87 -13.26
C LYS A 28 15.20 -1.90 -13.28
N VAL A 29 15.55 -3.18 -13.16
CA VAL A 29 14.56 -4.25 -13.14
C VAL A 29 13.70 -4.15 -11.88
N SER A 30 14.35 -3.86 -10.75
CA SER A 30 13.67 -3.69 -9.47
C SER A 30 12.81 -2.43 -9.49
N TYR A 31 13.31 -1.38 -10.15
CA TYR A 31 12.59 -0.11 -10.24
C TYR A 31 11.28 -0.26 -11.01
N VAL A 32 11.34 -0.82 -12.23
CA VAL A 32 10.15 -1.01 -13.05
C VAL A 32 9.15 -1.93 -12.36
N LYS A 33 9.66 -3.02 -11.77
CA LYS A 33 8.81 -3.98 -11.06
C LYS A 33 8.23 -3.32 -9.81
N ALA A 34 9.07 -2.57 -9.09
CA ALA A 34 8.65 -1.88 -7.88
C ALA A 34 7.44 -0.99 -8.14
N ILE A 35 7.50 -0.21 -9.23
CA ILE A 35 6.41 0.67 -9.58
C ILE A 35 5.31 -0.07 -10.31
N ASP A 36 4.74 -0.99 -9.55
CA ASP A 36 3.65 -1.87 -9.98
C ASP A 36 3.28 -2.85 -8.85
N ILE A 37 4.29 -3.31 -8.12
CA ILE A 37 4.12 -4.27 -7.03
C ILE A 37 3.58 -3.62 -5.77
N TRP A 38 4.30 -2.63 -5.26
CA TRP A 38 3.86 -1.92 -4.06
C TRP A 38 2.80 -0.91 -4.42
N LEU A 39 2.87 -0.33 -5.61
CA LEU A 39 1.84 0.61 -6.02
C LEU A 39 0.50 -0.11 -5.93
N ALA A 40 0.54 -1.42 -6.19
CA ALA A 40 -0.65 -2.25 -6.07
C ALA A 40 -1.22 -2.16 -4.65
N VAL A 41 -0.33 -1.90 -3.69
CA VAL A 41 -0.67 -1.75 -2.28
C VAL A 41 -0.91 -0.27 -1.97
N CYS A 42 0.03 0.56 -2.40
CA CYS A 42 -0.06 2.01 -2.18
C CYS A 42 -1.30 2.61 -2.86
N LEU A 43 -1.56 2.17 -4.09
CA LEU A 43 -2.71 2.64 -4.87
C LEU A 43 -4.03 2.21 -4.25
N LEU A 44 -4.17 0.91 -3.98
CA LEU A 44 -5.39 0.36 -3.40
C LEU A 44 -5.62 0.83 -1.97
N PHE A 45 -4.56 0.83 -1.16
CA PHE A 45 -4.65 1.23 0.25
C PHE A 45 -4.97 2.72 0.40
N VAL A 46 -4.19 3.57 -0.28
CA VAL A 46 -4.42 5.01 -0.21
C VAL A 46 -5.79 5.38 -0.77
N PHE A 47 -6.10 4.88 -1.97
CA PHE A 47 -7.39 5.15 -2.61
C PHE A 47 -8.53 4.72 -1.70
N SER A 48 -8.41 3.53 -1.10
CA SER A 48 -9.42 3.00 -0.20
C SER A 48 -9.61 3.92 1.01
N ALA A 49 -8.51 4.54 1.48
CA ALA A 49 -8.55 5.45 2.62
C ALA A 49 -9.39 6.69 2.30
N LEU A 50 -9.18 7.27 1.11
CA LEU A 50 -9.96 8.44 0.71
C LEU A 50 -11.42 8.02 0.57
N LEU A 51 -11.62 6.86 -0.02
CA LEU A 51 -12.94 6.28 -0.16
C LEU A 51 -13.54 6.00 1.22
N GLU A 52 -12.63 5.80 2.20
CA GLU A 52 -13.02 5.53 3.57
C GLU A 52 -13.69 6.77 4.17
N TYR A 53 -13.06 7.93 3.96
CA TYR A 53 -13.60 9.18 4.46
C TYR A 53 -14.81 9.59 3.64
N ALA A 54 -14.72 9.41 2.36
CA ALA A 54 -15.82 9.77 1.49
C ALA A 54 -17.07 9.00 1.95
N ALA A 55 -16.84 7.85 2.57
CA ALA A 55 -17.93 7.04 3.13
C ALA A 55 -18.29 7.60 4.49
N VAL A 56 -17.29 8.19 5.13
CA VAL A 56 -17.46 8.87 6.39
C VAL A 56 -18.70 9.77 6.23
N ASN A 57 -18.80 10.34 5.02
CA ASN A 57 -19.92 11.18 4.62
C ASN A 57 -21.10 10.32 4.17
N PHE A 58 -20.80 9.18 3.49
CA PHE A 58 -21.85 8.30 3.02
C PHE A 58 -22.60 7.66 4.19
N VAL A 59 -21.86 6.99 5.08
CA VAL A 59 -22.44 6.36 6.25
C VAL A 59 -23.03 7.39 7.21
N SER A 60 -22.28 8.47 7.48
CA SER A 60 -22.74 9.52 8.37
C SER A 60 -22.81 10.86 7.64
N ARG A 61 -24.00 11.45 7.61
CA ARG A 61 -24.21 12.73 6.94
C ARG A 61 -23.69 13.89 7.80
N LEU A 1 -8.34 -12.77 14.72
CA LEU A 1 -8.87 -12.31 13.40
C LEU A 1 -8.69 -10.79 13.21
N PRO A 2 -9.08 -9.97 14.21
CA PRO A 2 -8.94 -8.51 14.12
C PRO A 2 -7.49 -8.09 13.87
N ALA A 3 -6.58 -8.67 14.64
CA ALA A 3 -5.15 -8.38 14.49
C ALA A 3 -4.65 -8.76 13.11
N ARG A 4 -5.14 -9.87 12.57
CA ARG A 4 -4.74 -10.32 11.23
C ARG A 4 -4.88 -9.18 10.22
N VAL A 5 -5.83 -8.27 10.46
CA VAL A 5 -6.05 -7.11 9.61
C VAL A 5 -4.77 -6.29 9.52
N GLY A 6 -4.49 -5.61 10.63
CA GLY A 6 -3.30 -4.79 10.73
C GLY A 6 -2.04 -5.57 10.39
N LEU A 7 -2.03 -6.86 10.76
CA LEU A 7 -0.91 -7.75 10.49
C LEU A 7 -0.71 -7.93 8.99
N GLY A 8 -1.79 -8.22 8.27
CA GLY A 8 -1.72 -8.40 6.83
C GLY A 8 -1.25 -7.14 6.13
N ILE A 9 -1.79 -5.99 6.53
CA ILE A 9 -1.42 -4.72 5.96
C ILE A 9 0.05 -4.42 6.23
N THR A 10 0.46 -4.53 7.50
CA THR A 10 1.84 -4.31 7.89
C THR A 10 2.79 -5.20 7.09
N THR A 11 2.31 -6.40 6.72
CA THR A 11 3.09 -7.31 5.92
C THR A 11 3.27 -6.65 4.56
N VAL A 12 2.18 -6.09 4.05
CA VAL A 12 2.21 -5.37 2.78
C VAL A 12 3.14 -4.17 2.93
N LEU A 13 3.01 -3.49 4.07
CA LEU A 13 3.80 -2.34 4.44
C LEU A 13 5.30 -2.66 4.39
N THR A 14 5.67 -3.86 4.86
CA THR A 14 7.05 -4.30 4.83
C THR A 14 7.48 -4.31 3.37
N LEU A 15 6.62 -4.92 2.55
CA LEU A 15 6.84 -4.98 1.11
C LEU A 15 6.87 -3.57 0.51
N THR A 16 6.05 -2.67 1.04
CA THR A 16 6.02 -1.30 0.54
C THR A 16 7.42 -0.71 0.58
N THR A 17 8.15 -0.99 1.66
CA THR A 17 9.51 -0.53 1.82
C THR A 17 10.48 -1.31 0.92
N GLN A 18 10.30 -2.62 0.84
CA GLN A 18 11.17 -3.48 0.03
C GLN A 18 10.90 -3.33 -1.48
N SER A 19 9.67 -3.67 -1.89
CA SER A 19 9.27 -3.59 -3.31
C SER A 19 9.68 -2.25 -3.94
N SER A 20 9.56 -1.16 -3.18
CA SER A 20 9.93 0.17 -3.67
C SER A 20 11.42 0.28 -3.97
N GLY A 21 12.25 -0.30 -3.10
CA GLY A 21 13.69 -0.26 -3.29
C GLY A 21 14.46 -1.02 -2.23
N SER A 22 14.47 -0.49 -1.02
CA SER A 22 15.16 -1.10 0.12
C SER A 22 16.59 -1.51 -0.24
N ARG A 23 17.42 -0.52 -0.59
CA ARG A 23 18.80 -0.80 -0.96
C ARG A 23 19.66 0.46 -0.88
N ALA A 24 19.45 1.39 -1.81
CA ALA A 24 20.20 2.65 -1.84
C ALA A 24 19.78 3.53 -3.02
N SER A 25 19.89 2.97 -4.23
CA SER A 25 19.52 3.68 -5.45
C SER A 25 19.68 2.78 -6.68
N LEU A 26 18.67 2.79 -7.55
CA LEU A 26 18.67 2.00 -8.78
C LEU A 26 17.50 2.39 -9.67
N PRO A 27 17.52 3.64 -10.20
CA PRO A 27 16.47 4.17 -11.07
C PRO A 27 16.45 3.54 -12.46
N LYS A 28 16.18 2.23 -12.53
CA LYS A 28 16.15 1.53 -13.81
C LYS A 28 15.35 0.21 -13.71
N VAL A 29 16.05 -0.92 -13.60
CA VAL A 29 15.40 -2.22 -13.51
C VAL A 29 14.47 -2.34 -12.30
N SER A 30 14.96 -1.95 -11.13
CA SER A 30 14.15 -2.02 -9.91
C SER A 30 13.16 -0.86 -9.83
N TYR A 31 13.58 0.31 -10.31
CA TYR A 31 12.74 1.51 -10.28
C TYR A 31 11.43 1.31 -11.03
N VAL A 32 11.51 0.78 -12.26
CA VAL A 32 10.32 0.57 -13.08
C VAL A 32 9.34 -0.41 -12.42
N LYS A 33 9.85 -1.52 -11.89
CA LYS A 33 9.02 -2.52 -11.24
C LYS A 33 8.53 -2.02 -9.88
N ALA A 34 9.44 -1.41 -9.11
CA ALA A 34 9.10 -0.87 -7.79
C ALA A 34 7.92 0.07 -7.93
N ILE A 35 7.98 0.94 -8.93
CA ILE A 35 6.89 1.86 -9.20
C ILE A 35 5.86 1.19 -10.06
N ASP A 36 5.27 0.19 -9.44
CA ASP A 36 4.25 -0.66 -10.05
C ASP A 36 3.81 -1.75 -9.05
N ILE A 37 4.77 -2.27 -8.29
CA ILE A 37 4.54 -3.34 -7.32
C ILE A 37 3.93 -2.80 -6.03
N TRP A 38 4.64 -1.88 -5.37
CA TRP A 38 4.12 -1.31 -4.14
C TRP A 38 3.08 -0.26 -4.46
N LEU A 39 3.25 0.45 -5.56
CA LEU A 39 2.25 1.42 -5.95
C LEU A 39 0.91 0.73 -6.01
N ALA A 40 0.94 -0.58 -6.27
CA ALA A 40 -0.25 -1.40 -6.29
C ALA A 40 -0.86 -1.46 -4.88
N VAL A 41 0.01 -1.48 -3.88
CA VAL A 41 -0.39 -1.48 -2.46
C VAL A 41 -0.73 -0.06 -2.07
N CYS A 42 0.16 0.86 -2.40
CA CYS A 42 -0.04 2.28 -2.09
C CYS A 42 -1.30 2.82 -2.79
N LEU A 43 -1.56 2.34 -4.02
CA LEU A 43 -2.72 2.76 -4.79
C LEU A 43 -4.01 2.20 -4.20
N LEU A 44 -4.00 0.91 -3.85
CA LEU A 44 -5.19 0.27 -3.27
C LEU A 44 -5.48 0.79 -1.86
N PHE A 45 -4.43 0.82 -1.04
CA PHE A 45 -4.55 1.27 0.34
C PHE A 45 -5.00 2.73 0.44
N VAL A 46 -4.33 3.61 -0.30
CA VAL A 46 -4.68 5.04 -0.29
C VAL A 46 -6.08 5.26 -0.85
N PHE A 47 -6.37 4.64 -2.00
CA PHE A 47 -7.68 4.76 -2.65
C PHE A 47 -8.80 4.35 -1.69
N SER A 48 -8.64 3.18 -1.06
CA SER A 48 -9.62 2.67 -0.12
C SER A 48 -9.78 3.61 1.08
N ALA A 49 -8.66 4.17 1.54
CA ALA A 49 -8.66 5.10 2.67
C ALA A 49 -9.41 6.39 2.33
N LEU A 50 -9.17 6.93 1.13
CA LEU A 50 -9.87 8.13 0.71
C LEU A 50 -11.35 7.85 0.63
N LEU A 51 -11.68 6.70 0.06
CA LEU A 51 -13.06 6.26 -0.04
C LEU A 51 -13.61 5.95 1.35
N GLU A 52 -12.69 5.72 2.31
CA GLU A 52 -13.07 5.43 3.69
C GLU A 52 -13.66 6.68 4.32
N TYR A 53 -12.98 7.81 4.14
CA TYR A 53 -13.46 9.08 4.67
C TYR A 53 -14.64 9.57 3.86
N ALA A 54 -14.54 9.43 2.57
CA ALA A 54 -15.62 9.87 1.70
C ALA A 54 -16.91 9.17 2.13
N ALA A 55 -16.75 7.97 2.73
CA ALA A 55 -17.89 7.22 3.24
C ALA A 55 -18.24 7.78 4.61
N VAL A 56 -17.21 8.29 5.29
CA VAL A 56 -17.37 8.95 6.56
C VAL A 56 -18.54 9.91 6.40
N ASN A 57 -18.58 10.53 5.21
CA ASN A 57 -19.64 11.45 4.82
C ASN A 57 -20.87 10.66 4.36
N PHE A 58 -20.65 9.52 3.66
CA PHE A 58 -21.75 8.70 3.18
C PHE A 58 -22.52 8.09 4.35
N VAL A 59 -21.82 7.35 5.21
CA VAL A 59 -22.43 6.72 6.37
C VAL A 59 -23.00 7.74 7.35
N SER A 60 -22.25 8.81 7.63
CA SER A 60 -22.69 9.85 8.56
C SER A 60 -21.83 11.11 8.42
N ARG A 61 -21.36 11.66 9.56
CA ARG A 61 -20.54 12.87 9.54
C ARG A 61 -19.19 12.59 8.89
N LEU A 1 -8.68 -13.10 14.42
CA LEU A 1 -9.16 -12.38 13.20
C LEU A 1 -8.75 -10.90 13.21
N PRO A 2 -8.99 -10.18 14.33
CA PRO A 2 -8.63 -8.75 14.43
C PRO A 2 -7.14 -8.51 14.15
N ALA A 3 -6.29 -9.34 14.75
CA ALA A 3 -4.85 -9.24 14.57
C ALA A 3 -4.46 -9.42 13.11
N ARG A 4 -5.08 -10.39 12.43
CA ARG A 4 -4.80 -10.64 11.01
C ARG A 4 -4.90 -9.35 10.20
N VAL A 5 -5.74 -8.41 10.67
CA VAL A 5 -5.89 -7.11 10.02
C VAL A 5 -4.57 -6.40 9.97
N GLY A 6 -4.16 -5.93 11.15
CA GLY A 6 -2.90 -5.23 11.29
C GLY A 6 -1.74 -6.05 10.75
N LEU A 7 -1.82 -7.37 10.93
CA LEU A 7 -0.80 -8.30 10.44
C LEU A 7 -0.68 -8.25 8.92
N GLY A 8 -1.84 -8.33 8.24
CA GLY A 8 -1.86 -8.28 6.80
C GLY A 8 -1.32 -6.97 6.25
N ILE A 9 -1.74 -5.86 6.86
CA ILE A 9 -1.29 -4.55 6.47
C ILE A 9 0.21 -4.38 6.71
N THR A 10 0.69 -4.84 7.86
CA THR A 10 2.11 -4.76 8.20
C THR A 10 2.92 -5.60 7.21
N THR A 11 2.30 -6.63 6.66
CA THR A 11 2.97 -7.43 5.66
C THR A 11 3.10 -6.55 4.43
N VAL A 12 2.01 -5.80 4.19
CA VAL A 12 1.92 -4.87 3.06
C VAL A 12 2.89 -3.69 3.16
N LEU A 13 2.99 -3.06 4.35
CA LEU A 13 3.86 -1.92 4.49
C LEU A 13 5.33 -2.37 4.39
N THR A 14 5.60 -3.64 4.74
CA THR A 14 6.92 -4.19 4.61
C THR A 14 7.26 -4.22 3.13
N LEU A 15 6.33 -4.76 2.35
CA LEU A 15 6.46 -4.83 0.90
C LEU A 15 6.54 -3.41 0.32
N THR A 16 5.79 -2.48 0.90
CA THR A 16 5.80 -1.10 0.44
C THR A 16 7.22 -0.57 0.43
N THR A 17 7.98 -0.89 1.48
CA THR A 17 9.37 -0.46 1.62
C THR A 17 10.32 -1.30 0.73
N GLN A 18 10.15 -2.62 0.77
CA GLN A 18 10.99 -3.54 0.00
C GLN A 18 10.65 -3.55 -1.49
N SER A 19 9.40 -3.86 -1.81
CA SER A 19 8.93 -3.92 -3.20
C SER A 19 9.30 -2.65 -3.98
N SER A 20 9.19 -1.49 -3.32
CA SER A 20 9.53 -0.21 -3.96
C SER A 20 10.98 -0.19 -4.42
N GLY A 21 11.87 -0.80 -3.64
CA GLY A 21 13.28 -0.83 -3.99
C GLY A 21 13.87 0.55 -4.17
N SER A 22 13.61 1.44 -3.20
CA SER A 22 14.13 2.80 -3.25
C SER A 22 15.16 3.02 -2.15
N ARG A 23 15.86 1.94 -1.80
CA ARG A 23 16.88 1.98 -0.77
C ARG A 23 18.22 2.47 -1.34
N ALA A 24 18.60 1.90 -2.48
CA ALA A 24 19.85 2.27 -3.15
C ALA A 24 19.99 1.59 -4.51
N SER A 25 19.77 0.27 -4.54
CA SER A 25 19.89 -0.50 -5.78
C SER A 25 18.57 -0.54 -6.57
N LEU A 26 18.64 -0.13 -7.83
CA LEU A 26 17.48 -0.13 -8.74
C LEU A 26 17.88 0.38 -10.12
N PRO A 27 18.79 -0.34 -10.81
CA PRO A 27 19.27 0.05 -12.15
C PRO A 27 18.13 0.34 -13.13
N LYS A 28 17.12 -0.54 -13.17
CA LYS A 28 15.98 -0.36 -14.06
C LYS A 28 14.91 -1.44 -13.80
N VAL A 29 15.34 -2.70 -13.70
CA VAL A 29 14.43 -3.82 -13.47
C VAL A 29 13.70 -3.66 -12.14
N SER A 30 14.45 -3.30 -11.09
CA SER A 30 13.88 -3.12 -9.76
C SER A 30 12.94 -1.91 -9.72
N TYR A 31 13.39 -0.80 -10.31
CA TYR A 31 12.60 0.43 -10.34
C TYR A 31 11.26 0.23 -11.06
N VAL A 32 11.30 -0.29 -12.29
CA VAL A 32 10.09 -0.51 -13.08
C VAL A 32 9.16 -1.52 -12.40
N LYS A 33 9.71 -2.63 -11.94
CA LYS A 33 8.93 -3.67 -11.27
C LYS A 33 8.32 -3.13 -9.98
N ALA A 34 9.13 -2.36 -9.23
CA ALA A 34 8.68 -1.74 -7.98
C ALA A 34 7.47 -0.85 -8.20
N ILE A 35 7.54 -0.03 -9.25
CA ILE A 35 6.43 0.89 -9.56
C ILE A 35 5.33 0.16 -10.31
N ASP A 36 4.79 -0.80 -9.59
CA ASP A 36 3.70 -1.67 -10.06
C ASP A 36 3.32 -2.68 -8.97
N ILE A 37 4.33 -3.17 -8.24
CA ILE A 37 4.14 -4.17 -7.18
C ILE A 37 3.60 -3.55 -5.90
N TRP A 38 4.32 -2.59 -5.34
CA TRP A 38 3.89 -1.93 -4.13
C TRP A 38 2.82 -0.90 -4.45
N LEU A 39 2.89 -0.28 -5.62
CA LEU A 39 1.86 0.67 -6.00
C LEU A 39 0.52 -0.05 -5.94
N ALA A 40 0.55 -1.35 -6.23
CA ALA A 40 -0.64 -2.18 -6.14
C ALA A 40 -1.20 -2.14 -4.71
N VAL A 41 -0.31 -1.91 -3.75
CA VAL A 41 -0.65 -1.80 -2.33
C VAL A 41 -0.90 -0.34 -1.98
N CYS A 42 0.05 0.51 -2.38
CA CYS A 42 -0.05 1.95 -2.10
C CYS A 42 -1.28 2.57 -2.78
N LEU A 43 -1.54 2.17 -4.02
CA LEU A 43 -2.69 2.67 -4.78
C LEU A 43 -4.02 2.21 -4.18
N LEU A 44 -4.16 0.90 -4.03
CA LEU A 44 -5.38 0.31 -3.48
C LEU A 44 -5.64 0.74 -2.03
N PHE A 45 -4.58 0.73 -1.22
CA PHE A 45 -4.71 1.10 0.20
C PHE A 45 -5.03 2.58 0.39
N VAL A 46 -4.28 3.46 -0.28
CA VAL A 46 -4.50 4.90 -0.17
C VAL A 46 -5.87 5.30 -0.72
N PHE A 47 -6.18 4.84 -1.94
CA PHE A 47 -7.46 5.15 -2.57
C PHE A 47 -8.63 4.65 -1.72
N SER A 48 -8.52 3.41 -1.24
CA SER A 48 -9.57 2.82 -0.40
C SER A 48 -9.76 3.64 0.88
N ALA A 49 -8.66 4.12 1.45
CA ALA A 49 -8.70 4.92 2.68
C ALA A 49 -9.38 6.26 2.42
N LEU A 50 -9.02 6.92 1.32
CA LEU A 50 -9.64 8.20 0.98
C LEU A 50 -11.13 8.00 0.77
N LEU A 51 -11.46 6.93 0.04
CA LEU A 51 -12.84 6.57 -0.20
C LEU A 51 -13.50 6.13 1.11
N GLU A 52 -12.67 5.75 2.09
CA GLU A 52 -13.16 5.31 3.40
C GLU A 52 -13.75 6.50 4.14
N TYR A 53 -13.02 7.62 4.14
CA TYR A 53 -13.50 8.82 4.78
C TYR A 53 -14.59 9.47 3.96
N ALA A 54 -14.39 9.48 2.67
CA ALA A 54 -15.39 10.07 1.79
C ALA A 54 -16.73 9.38 2.04
N ALA A 55 -16.66 8.11 2.49
CA ALA A 55 -17.86 7.35 2.83
C ALA A 55 -18.28 7.74 4.22
N VAL A 56 -17.30 8.13 5.02
CA VAL A 56 -17.52 8.62 6.36
C VAL A 56 -18.66 9.64 6.25
N ASN A 57 -18.59 10.41 5.14
CA ASN A 57 -19.60 11.41 4.80
C ASN A 57 -20.81 10.74 4.14
N PHE A 58 -20.56 9.70 3.32
CA PHE A 58 -21.64 8.99 2.65
C PHE A 58 -22.53 8.28 3.67
N VAL A 59 -21.93 7.42 4.49
CA VAL A 59 -22.65 6.68 5.52
C VAL A 59 -23.27 7.63 6.55
N SER A 60 -22.49 8.60 7.04
CA SER A 60 -22.98 9.56 8.03
C SER A 60 -24.12 10.41 7.46
N ARG A 61 -25.18 10.58 8.24
CA ARG A 61 -26.35 11.36 7.81
C ARG A 61 -25.96 12.83 7.59
N LEU A 1 -9.02 -12.56 13.99
CA LEU A 1 -9.49 -11.94 12.72
C LEU A 1 -9.17 -10.44 12.66
N PRO A 2 -9.51 -9.67 13.72
CA PRO A 2 -9.23 -8.22 13.76
C PRO A 2 -7.75 -7.92 13.57
N ALA A 3 -6.91 -8.65 14.31
CA ALA A 3 -5.47 -8.47 14.21
C ALA A 3 -4.95 -8.79 12.82
N ARG A 4 -5.54 -9.80 12.17
CA ARG A 4 -5.15 -10.18 10.81
C ARG A 4 -5.16 -8.96 9.90
N VAL A 5 -6.03 -7.99 10.20
CA VAL A 5 -6.13 -6.75 9.43
C VAL A 5 -4.80 -6.02 9.46
N GLY A 6 -4.54 -5.43 10.62
CA GLY A 6 -3.29 -4.69 10.82
C GLY A 6 -2.07 -5.51 10.47
N LEU A 7 -2.14 -6.82 10.75
CA LEU A 7 -1.04 -7.74 10.46
C LEU A 7 -0.81 -7.87 8.96
N GLY A 8 -1.91 -8.07 8.21
CA GLY A 8 -1.81 -8.18 6.77
C GLY A 8 -1.27 -6.93 6.13
N ILE A 9 -1.77 -5.78 6.56
CA ILE A 9 -1.33 -4.49 6.06
C ILE A 9 0.14 -4.26 6.38
N THR A 10 0.54 -4.56 7.61
CA THR A 10 1.92 -4.39 8.04
C THR A 10 2.83 -5.32 7.24
N THR A 11 2.30 -6.45 6.80
CA THR A 11 3.07 -7.36 5.97
C THR A 11 3.29 -6.65 4.63
N VAL A 12 2.24 -5.92 4.23
CA VAL A 12 2.24 -5.16 2.99
C VAL A 12 3.14 -3.93 3.03
N LEU A 13 3.08 -3.13 4.11
CA LEU A 13 3.88 -1.94 4.20
C LEU A 13 5.37 -2.29 4.33
N THR A 14 5.66 -3.46 4.91
CA THR A 14 7.03 -3.92 5.06
C THR A 14 7.56 -4.31 3.68
N LEU A 15 6.79 -5.17 2.99
CA LEU A 15 7.17 -5.59 1.66
C LEU A 15 7.14 -4.39 0.73
N THR A 16 6.33 -3.37 1.06
CA THR A 16 6.24 -2.15 0.26
C THR A 16 7.59 -1.46 0.30
N THR A 17 8.18 -1.39 1.50
CA THR A 17 9.49 -0.79 1.66
C THR A 17 10.46 -1.51 0.73
N GLN A 18 10.39 -2.85 0.73
CA GLN A 18 11.24 -3.67 -0.13
C GLN A 18 10.85 -3.46 -1.61
N SER A 19 9.54 -3.36 -1.89
CA SER A 19 9.04 -3.15 -3.24
C SER A 19 9.72 -1.96 -3.91
N SER A 20 9.73 -0.81 -3.21
CA SER A 20 10.36 0.40 -3.74
C SER A 20 11.88 0.19 -3.87
N GLY A 21 12.48 -0.40 -2.84
CA GLY A 21 13.91 -0.67 -2.85
C GLY A 21 14.39 -1.28 -1.56
N SER A 22 14.46 -0.46 -0.50
CA SER A 22 14.90 -0.91 0.83
C SER A 22 16.27 -1.57 0.74
N ARG A 23 17.20 -0.93 0.05
CA ARG A 23 18.54 -1.48 -0.09
C ARG A 23 19.52 -0.44 -0.67
N ALA A 24 19.49 -0.26 -2.00
CA ALA A 24 20.37 0.69 -2.67
C ALA A 24 20.33 0.50 -4.19
N SER A 25 20.41 -0.76 -4.63
CA SER A 25 20.39 -1.09 -6.05
C SER A 25 19.11 -0.60 -6.72
N LEU A 26 19.27 0.05 -7.87
CA LEU A 26 18.13 0.58 -8.62
C LEU A 26 18.57 1.06 -10.00
N PRO A 27 19.09 0.14 -10.85
CA PRO A 27 19.58 0.47 -12.20
C PRO A 27 18.49 1.07 -13.09
N LYS A 28 17.36 0.35 -13.23
CA LYS A 28 16.25 0.82 -14.05
C LYS A 28 15.07 -0.14 -13.98
N VAL A 29 15.33 -1.43 -14.22
CA VAL A 29 14.30 -2.46 -14.18
C VAL A 29 13.65 -2.53 -12.79
N SER A 30 14.47 -2.51 -11.76
CA SER A 30 14.00 -2.55 -10.38
C SER A 30 13.15 -1.33 -10.05
N TYR A 31 13.44 -0.20 -10.70
CA TYR A 31 12.69 1.04 -10.49
C TYR A 31 11.32 0.94 -11.15
N VAL A 32 11.31 0.35 -12.35
CA VAL A 32 10.09 0.17 -13.12
C VAL A 32 9.12 -0.76 -12.39
N LYS A 33 9.65 -1.90 -11.94
CA LYS A 33 8.84 -2.88 -11.21
C LYS A 33 8.42 -2.32 -9.86
N ALA A 34 9.35 -1.68 -9.14
CA ALA A 34 9.06 -1.07 -7.85
C ALA A 34 7.88 -0.13 -8.00
N ILE A 35 7.93 0.72 -9.02
CA ILE A 35 6.84 1.63 -9.30
C ILE A 35 5.81 0.94 -10.16
N ASP A 36 5.23 -0.06 -9.52
CA ASP A 36 4.22 -0.93 -10.12
C ASP A 36 3.75 -1.99 -9.12
N ILE A 37 4.70 -2.50 -8.34
CA ILE A 37 4.44 -3.54 -7.34
C ILE A 37 3.83 -2.98 -6.07
N TRP A 38 4.54 -2.07 -5.40
CA TRP A 38 4.03 -1.46 -4.18
C TRP A 38 2.97 -0.44 -4.52
N LEU A 39 3.12 0.25 -5.65
CA LEU A 39 2.10 1.22 -6.04
C LEU A 39 0.75 0.50 -6.09
N ALA A 40 0.79 -0.78 -6.48
CA ALA A 40 -0.39 -1.60 -6.49
C ALA A 40 -1.03 -1.63 -5.09
N VAL A 41 -0.17 -1.48 -4.07
CA VAL A 41 -0.58 -1.45 -2.68
C VAL A 41 -0.86 -0.01 -2.27
N CYS A 42 0.10 0.86 -2.56
CA CYS A 42 -0.02 2.28 -2.23
C CYS A 42 -1.25 2.91 -2.89
N LEU A 43 -1.48 2.56 -4.15
CA LEU A 43 -2.61 3.07 -4.91
C LEU A 43 -3.95 2.56 -4.34
N LEU A 44 -4.04 1.24 -4.16
CA LEU A 44 -5.26 0.63 -3.63
C LEU A 44 -5.53 1.02 -2.19
N PHE A 45 -4.49 0.97 -1.35
CA PHE A 45 -4.63 1.30 0.08
C PHE A 45 -5.05 2.76 0.27
N VAL A 46 -4.34 3.68 -0.39
CA VAL A 46 -4.65 5.10 -0.27
C VAL A 46 -6.04 5.41 -0.81
N PHE A 47 -6.32 4.90 -2.01
CA PHE A 47 -7.63 5.11 -2.65
C PHE A 47 -8.76 4.63 -1.75
N SER A 48 -8.63 3.40 -1.23
CA SER A 48 -9.64 2.82 -0.35
C SER A 48 -9.80 3.65 0.92
N ALA A 49 -8.69 4.19 1.42
CA ALA A 49 -8.69 5.01 2.64
C ALA A 49 -9.46 6.31 2.39
N LEU A 50 -9.23 6.95 1.24
CA LEU A 50 -9.94 8.18 0.91
C LEU A 50 -11.41 7.86 0.78
N LEU A 51 -11.70 6.74 0.11
CA LEU A 51 -13.05 6.25 -0.04
C LEU A 51 -13.64 5.92 1.32
N GLU A 52 -12.74 5.62 2.28
CA GLU A 52 -13.13 5.29 3.64
C GLU A 52 -13.73 6.51 4.31
N TYR A 53 -13.05 7.66 4.18
CA TYR A 53 -13.54 8.90 4.76
C TYR A 53 -14.73 9.41 3.99
N ALA A 54 -14.65 9.32 2.69
CA ALA A 54 -15.74 9.77 1.86
C ALA A 54 -17.01 9.03 2.28
N ALA A 55 -16.83 7.82 2.82
CA ALA A 55 -17.95 7.03 3.34
C ALA A 55 -18.28 7.51 4.73
N VAL A 56 -17.25 8.01 5.40
CA VAL A 56 -17.39 8.61 6.71
C VAL A 56 -18.57 9.56 6.63
N ASN A 57 -18.67 10.21 5.45
CA ASN A 57 -19.76 11.13 5.14
C ASN A 57 -20.97 10.35 4.61
N PHE A 58 -20.73 9.26 3.86
CA PHE A 58 -21.82 8.46 3.31
C PHE A 58 -22.59 7.78 4.45
N VAL A 59 -21.90 6.97 5.24
CA VAL A 59 -22.50 6.26 6.36
C VAL A 59 -22.93 7.23 7.47
N SER A 60 -22.05 8.19 7.79
CA SER A 60 -22.29 9.21 8.82
C SER A 60 -22.55 8.59 10.19
N ARG A 61 -21.74 8.96 11.17
CA ARG A 61 -21.86 8.46 12.53
C ARG A 61 -21.10 9.34 13.53
N LEU A 1 -8.46 -13.11 14.28
CA LEU A 1 -9.14 -12.40 13.16
C LEU A 1 -8.82 -10.91 13.16
N PRO A 2 -9.05 -10.19 14.29
CA PRO A 2 -8.76 -8.74 14.36
C PRO A 2 -7.29 -8.44 14.09
N ALA A 3 -6.41 -9.25 14.68
CA ALA A 3 -4.97 -9.08 14.49
C ALA A 3 -4.58 -9.28 13.03
N ARG A 4 -5.27 -10.20 12.34
CA ARG A 4 -5.01 -10.45 10.92
C ARG A 4 -5.01 -9.14 10.13
N VAL A 5 -5.80 -8.17 10.60
CA VAL A 5 -5.89 -6.85 9.97
C VAL A 5 -4.52 -6.20 9.96
N GLY A 6 -4.14 -5.72 11.14
CA GLY A 6 -2.86 -5.07 11.32
C GLY A 6 -1.70 -5.91 10.81
N LEU A 7 -1.82 -7.22 10.97
CA LEU A 7 -0.80 -8.17 10.51
C LEU A 7 -0.70 -8.17 8.99
N GLY A 8 -1.85 -8.26 8.32
CA GLY A 8 -1.87 -8.26 6.87
C GLY A 8 -1.30 -6.98 6.30
N ILE A 9 -1.69 -5.84 6.87
CA ILE A 9 -1.21 -4.54 6.44
C ILE A 9 0.29 -4.40 6.68
N THR A 10 0.75 -4.82 7.86
CA THR A 10 2.16 -4.76 8.19
C THR A 10 2.98 -5.65 7.26
N THR A 11 2.35 -6.69 6.73
CA THR A 11 3.01 -7.53 5.77
C THR A 11 3.15 -6.71 4.50
N VAL A 12 2.09 -5.95 4.22
CA VAL A 12 2.03 -5.09 3.06
C VAL A 12 3.00 -3.91 3.12
N LEU A 13 3.11 -3.23 4.28
CA LEU A 13 3.98 -2.09 4.40
C LEU A 13 5.44 -2.54 4.36
N THR A 14 5.72 -3.78 4.81
CA THR A 14 7.06 -4.32 4.76
C THR A 14 7.43 -4.43 3.28
N LEU A 15 6.53 -5.05 2.52
CA LEU A 15 6.71 -5.19 1.09
C LEU A 15 6.74 -3.82 0.42
N THR A 16 5.93 -2.88 0.91
CA THR A 16 5.90 -1.54 0.36
C THR A 16 7.32 -0.98 0.28
N THR A 17 8.09 -1.19 1.35
CA THR A 17 9.47 -0.74 1.41
C THR A 17 10.38 -1.58 0.51
N GLN A 18 10.24 -2.91 0.60
CA GLN A 18 11.06 -3.84 -0.19
C GLN A 18 10.74 -3.77 -1.69
N SER A 19 9.49 -4.09 -2.05
CA SER A 19 9.05 -4.08 -3.44
C SER A 19 9.46 -2.78 -4.16
N SER A 20 9.38 -1.66 -3.46
CA SER A 20 9.76 -0.36 -4.04
C SER A 20 11.26 -0.30 -4.33
N GLY A 21 12.06 -0.75 -3.37
CA GLY A 21 13.51 -0.73 -3.54
C GLY A 21 14.28 -0.80 -2.24
N SER A 22 13.86 0.00 -1.26
CA SER A 22 14.52 0.06 0.05
C SER A 22 15.87 0.76 -0.07
N ARG A 23 16.09 1.49 -1.17
CA ARG A 23 17.34 2.23 -1.39
C ARG A 23 18.54 1.32 -1.70
N ALA A 24 18.60 0.16 -1.05
CA ALA A 24 19.70 -0.79 -1.25
C ALA A 24 19.84 -1.22 -2.71
N SER A 25 18.71 -1.49 -3.37
CA SER A 25 18.73 -1.92 -4.76
C SER A 25 17.64 -1.21 -5.57
N LEU A 26 18.05 -0.61 -6.69
CA LEU A 26 17.14 0.11 -7.57
C LEU A 26 17.86 0.59 -8.84
N PRO A 27 18.40 -0.36 -9.64
CA PRO A 27 19.13 -0.03 -10.87
C PRO A 27 18.20 0.29 -12.04
N LYS A 28 17.26 -0.61 -12.31
CA LYS A 28 16.29 -0.43 -13.40
C LYS A 28 15.21 -1.50 -13.36
N VAL A 29 15.62 -2.77 -13.28
CA VAL A 29 14.67 -3.88 -13.21
C VAL A 29 13.83 -3.78 -11.95
N SER A 30 14.48 -3.46 -10.83
CA SER A 30 13.80 -3.30 -9.56
C SER A 30 12.90 -2.06 -9.57
N TYR A 31 13.37 -0.99 -10.23
CA TYR A 31 12.63 0.26 -10.31
C TYR A 31 11.31 0.08 -11.08
N VAL A 32 11.39 -0.49 -12.29
CA VAL A 32 10.21 -0.70 -13.12
C VAL A 32 9.20 -1.60 -12.42
N LYS A 33 9.68 -2.70 -11.82
CA LYS A 33 8.82 -3.62 -11.11
C LYS A 33 8.26 -2.98 -9.84
N ALA A 34 9.11 -2.23 -9.14
CA ALA A 34 8.72 -1.53 -7.92
C ALA A 34 7.50 -0.65 -8.17
N ILE A 35 7.57 0.14 -9.24
CA ILE A 35 6.48 1.03 -9.60
C ILE A 35 5.43 0.26 -10.37
N ASP A 36 4.72 -0.55 -9.60
CA ASP A 36 3.64 -1.43 -10.06
C ASP A 36 3.31 -2.48 -9.00
N ILE A 37 4.33 -2.92 -8.26
CA ILE A 37 4.18 -3.93 -7.21
C ILE A 37 3.63 -3.33 -5.92
N TRP A 38 4.35 -2.34 -5.38
CA TRP A 38 3.92 -1.69 -4.16
C TRP A 38 2.88 -0.64 -4.48
N LEU A 39 2.98 0.00 -5.63
CA LEU A 39 1.96 0.97 -6.01
C LEU A 39 0.62 0.26 -5.96
N ALA A 40 0.64 -1.04 -6.28
CA ALA A 40 -0.56 -1.86 -6.20
C ALA A 40 -1.15 -1.80 -4.79
N VAL A 41 -0.25 -1.63 -3.80
CA VAL A 41 -0.62 -1.53 -2.39
C VAL A 41 -0.85 -0.05 -2.04
N CYS A 42 0.11 0.78 -2.42
CA CYS A 42 0.03 2.22 -2.14
C CYS A 42 -1.21 2.84 -2.80
N LEU A 43 -1.49 2.42 -4.02
CA LEU A 43 -2.65 2.92 -4.78
C LEU A 43 -3.96 2.45 -4.18
N LEU A 44 -4.09 1.14 -3.99
CA LEU A 44 -5.31 0.55 -3.43
C LEU A 44 -5.55 1.01 -2.00
N PHE A 45 -4.50 1.01 -1.19
CA PHE A 45 -4.61 1.39 0.23
C PHE A 45 -4.95 2.87 0.40
N VAL A 46 -4.20 3.76 -0.28
CA VAL A 46 -4.44 5.20 -0.19
C VAL A 46 -5.83 5.56 -0.71
N PHE A 47 -6.14 5.11 -1.93
CA PHE A 47 -7.43 5.38 -2.54
C PHE A 47 -8.58 4.88 -1.66
N SER A 48 -8.44 3.65 -1.15
CA SER A 48 -9.45 3.07 -0.27
C SER A 48 -9.66 3.91 0.99
N ALA A 49 -8.57 4.51 1.49
CA ALA A 49 -8.63 5.36 2.68
C ALA A 49 -9.45 6.62 2.43
N LEU A 50 -9.20 7.30 1.31
CA LEU A 50 -9.95 8.50 0.98
C LEU A 50 -11.40 8.12 0.75
N LEU A 51 -11.60 7.01 0.04
CA LEU A 51 -12.92 6.47 -0.21
C LEU A 51 -13.56 6.06 1.12
N GLU A 52 -12.70 5.77 2.11
CA GLU A 52 -13.15 5.37 3.45
C GLU A 52 -13.84 6.55 4.12
N TYR A 53 -13.20 7.72 4.06
CA TYR A 53 -13.77 8.92 4.65
C TYR A 53 -14.94 9.41 3.82
N ALA A 54 -14.79 9.36 2.53
CA ALA A 54 -15.85 9.80 1.66
C ALA A 54 -17.12 9.00 1.97
N ALA A 55 -16.92 7.78 2.50
CA ALA A 55 -18.05 6.94 2.91
C ALA A 55 -18.46 7.37 4.30
N VAL A 56 -17.50 7.90 5.05
CA VAL A 56 -17.74 8.44 6.35
C VAL A 56 -18.96 9.35 6.21
N ASN A 57 -18.99 10.06 5.07
CA ASN A 57 -20.09 10.94 4.71
C ASN A 57 -21.25 10.12 4.13
N PHE A 58 -20.92 9.06 3.37
CA PHE A 58 -21.95 8.20 2.77
C PHE A 58 -22.75 7.49 3.86
N VAL A 59 -22.05 6.74 4.72
CA VAL A 59 -22.67 6.00 5.81
C VAL A 59 -23.36 6.93 6.80
N SER A 60 -22.66 7.98 7.25
CA SER A 60 -23.22 8.93 8.20
C SER A 60 -24.35 9.75 7.56
N ARG A 61 -25.47 9.87 8.26
CA ARG A 61 -26.61 10.63 7.76
C ARG A 61 -26.29 12.11 7.66
N LEU A 1 -8.32 -13.10 14.17
CA LEU A 1 -8.98 -12.47 12.99
C LEU A 1 -8.76 -10.96 12.95
N PRO A 2 -9.11 -10.22 14.03
CA PRO A 2 -8.91 -8.76 14.08
C PRO A 2 -7.45 -8.38 13.87
N ALA A 3 -6.55 -9.08 14.55
CA ALA A 3 -5.12 -8.82 14.42
C ALA A 3 -4.64 -9.09 13.00
N ARG A 4 -5.20 -10.13 12.36
CA ARG A 4 -4.84 -10.45 10.97
C ARG A 4 -4.92 -9.21 10.08
N VAL A 5 -5.82 -8.28 10.44
CA VAL A 5 -5.98 -7.04 9.70
C VAL A 5 -4.66 -6.28 9.68
N GLY A 6 -4.33 -5.73 10.83
CA GLY A 6 -3.09 -4.98 10.99
C GLY A 6 -1.88 -5.80 10.57
N LEU A 7 -1.94 -7.10 10.82
CA LEU A 7 -0.87 -8.02 10.46
C LEU A 7 -0.68 -8.07 8.95
N GLY A 8 -1.80 -8.23 8.23
CA GLY A 8 -1.75 -8.28 6.77
C GLY A 8 -1.22 -6.99 6.18
N ILE A 9 -1.70 -5.86 6.69
CA ILE A 9 -1.27 -4.56 6.23
C ILE A 9 0.21 -4.35 6.50
N THR A 10 0.66 -4.71 7.71
CA THR A 10 2.05 -4.58 8.09
C THR A 10 2.92 -5.48 7.21
N THR A 11 2.35 -6.58 6.73
CA THR A 11 3.08 -7.45 5.85
C THR A 11 3.28 -6.68 4.54
N VAL A 12 2.24 -5.92 4.20
CA VAL A 12 2.22 -5.10 3.00
C VAL A 12 3.14 -3.88 3.08
N LEU A 13 3.13 -3.14 4.20
CA LEU A 13 3.94 -1.97 4.32
C LEU A 13 5.42 -2.35 4.40
N THR A 14 5.71 -3.55 4.92
CA THR A 14 7.07 -4.05 5.02
C THR A 14 7.58 -4.39 3.63
N LEU A 15 6.77 -5.17 2.91
CA LEU A 15 7.12 -5.56 1.56
C LEU A 15 7.13 -4.32 0.66
N THR A 16 6.33 -3.30 1.02
CA THR A 16 6.27 -2.07 0.26
C THR A 16 7.61 -1.36 0.35
N THR A 17 8.17 -1.31 1.57
CA THR A 17 9.47 -0.72 1.78
C THR A 17 10.48 -1.43 0.89
N GLN A 18 10.32 -2.75 0.78
CA GLN A 18 11.18 -3.57 -0.07
C GLN A 18 10.83 -3.39 -1.55
N SER A 19 9.53 -3.24 -1.85
CA SER A 19 9.05 -3.06 -3.22
C SER A 19 9.77 -1.92 -3.92
N SER A 20 9.73 -0.73 -3.32
CA SER A 20 10.39 0.44 -3.89
C SER A 20 11.92 0.27 -3.83
N GLY A 21 12.42 -0.06 -2.64
CA GLY A 21 13.85 -0.26 -2.44
C GLY A 21 14.28 0.12 -1.04
N SER A 22 14.10 1.40 -0.72
CA SER A 22 14.47 1.94 0.60
C SER A 22 15.86 1.49 1.01
N ARG A 23 16.85 1.72 0.14
CA ARG A 23 18.21 1.32 0.43
C ARG A 23 19.21 2.01 -0.50
N ALA A 24 19.13 1.71 -1.80
CA ALA A 24 20.03 2.30 -2.79
C ALA A 24 19.88 1.64 -4.16
N SER A 25 19.83 0.30 -4.16
CA SER A 25 19.70 -0.46 -5.41
C SER A 25 18.43 -0.06 -6.18
N LEU A 26 18.62 0.30 -7.45
CA LEU A 26 17.51 0.71 -8.31
C LEU A 26 18.02 1.00 -9.74
N PRO A 27 18.61 -0.02 -10.41
CA PRO A 27 19.15 0.13 -11.77
C PRO A 27 18.06 0.39 -12.82
N LYS A 28 17.07 -0.51 -12.89
CA LYS A 28 15.97 -0.37 -13.84
C LYS A 28 14.94 -1.48 -13.65
N VAL A 29 15.41 -2.73 -13.57
CA VAL A 29 14.52 -3.88 -13.38
C VAL A 29 13.73 -3.73 -12.08
N SER A 30 14.44 -3.33 -11.02
CA SER A 30 13.83 -3.12 -9.72
C SER A 30 12.94 -1.87 -9.74
N TYR A 31 13.35 -0.84 -10.47
CA TYR A 31 12.61 0.41 -10.57
C TYR A 31 11.24 0.21 -11.23
N VAL A 32 11.23 -0.42 -12.41
CA VAL A 32 9.99 -0.67 -13.14
C VAL A 32 9.04 -1.58 -12.35
N LYS A 33 9.58 -2.62 -11.73
CA LYS A 33 8.77 -3.55 -10.94
C LYS A 33 8.29 -2.86 -9.66
N ALA A 34 9.20 -2.13 -9.00
CA ALA A 34 8.85 -1.42 -7.77
C ALA A 34 7.63 -0.54 -8.03
N ILE A 35 7.70 0.23 -9.12
CA ILE A 35 6.59 1.08 -9.50
C ILE A 35 5.58 0.28 -10.28
N ASP A 36 5.01 -0.67 -9.55
CA ASP A 36 4.03 -1.61 -10.06
C ASP A 36 3.57 -2.57 -8.95
N ILE A 37 4.53 -2.99 -8.12
CA ILE A 37 4.28 -3.93 -7.03
C ILE A 37 3.69 -3.25 -5.80
N TRP A 38 4.42 -2.30 -5.23
CA TRP A 38 3.93 -1.60 -4.05
C TRP A 38 2.85 -0.61 -4.45
N LEU A 39 2.94 -0.03 -5.64
CA LEU A 39 1.91 0.89 -6.09
C LEU A 39 0.58 0.16 -6.04
N ALA A 40 0.62 -1.15 -6.31
CA ALA A 40 -0.55 -1.99 -6.22
C ALA A 40 -1.15 -1.89 -4.81
N VAL A 41 -0.28 -1.65 -3.83
CA VAL A 41 -0.66 -1.50 -2.43
C VAL A 41 -0.94 -0.03 -2.15
N CYS A 42 0.00 0.82 -2.54
CA CYS A 42 -0.14 2.27 -2.32
C CYS A 42 -1.38 2.83 -3.01
N LEU A 43 -1.63 2.38 -4.22
CA LEU A 43 -2.79 2.81 -5.02
C LEU A 43 -4.11 2.36 -4.38
N LEU A 44 -4.20 1.07 -4.08
CA LEU A 44 -5.41 0.50 -3.47
C LEU A 44 -5.63 0.98 -2.04
N PHE A 45 -4.56 0.97 -1.23
CA PHE A 45 -4.65 1.38 0.16
C PHE A 45 -5.04 2.85 0.30
N VAL A 46 -4.37 3.74 -0.44
CA VAL A 46 -4.67 5.17 -0.39
C VAL A 46 -6.07 5.45 -0.94
N PHE A 47 -6.35 4.91 -2.13
CA PHE A 47 -7.66 5.09 -2.76
C PHE A 47 -8.78 4.68 -1.82
N SER A 48 -8.66 3.49 -1.23
CA SER A 48 -9.67 2.97 -0.31
C SER A 48 -9.79 3.88 0.92
N ALA A 49 -8.68 4.46 1.35
CA ALA A 49 -8.66 5.35 2.52
C ALA A 49 -9.48 6.62 2.25
N LEU A 50 -9.26 7.26 1.09
CA LEU A 50 -10.02 8.45 0.75
C LEU A 50 -11.49 8.10 0.65
N LEU A 51 -11.77 6.97 -0.01
CA LEU A 51 -13.13 6.47 -0.12
C LEU A 51 -13.66 6.07 1.26
N GLU A 52 -12.73 5.82 2.20
CA GLU A 52 -13.09 5.43 3.55
C GLU A 52 -13.74 6.62 4.26
N TYR A 53 -13.09 7.78 4.15
CA TYR A 53 -13.62 8.99 4.75
C TYR A 53 -14.82 9.50 3.97
N ALA A 54 -14.72 9.42 2.67
CA ALA A 54 -15.81 9.86 1.84
C ALA A 54 -17.08 9.09 2.23
N ALA A 55 -16.88 7.87 2.75
CA ALA A 55 -17.99 7.06 3.23
C ALA A 55 -18.35 7.50 4.62
N VAL A 56 -17.34 8.03 5.32
CA VAL A 56 -17.52 8.59 6.63
C VAL A 56 -18.73 9.51 6.53
N ASN A 57 -18.79 10.21 5.38
CA ASN A 57 -19.89 11.10 5.05
C ASN A 57 -21.09 10.30 4.53
N PHE A 58 -20.82 9.22 3.78
CA PHE A 58 -21.89 8.39 3.25
C PHE A 58 -22.65 7.70 4.38
N VAL A 59 -21.93 6.96 5.22
CA VAL A 59 -22.52 6.25 6.35
C VAL A 59 -23.10 7.22 7.40
N SER A 60 -22.33 8.25 7.75
CA SER A 60 -22.79 9.23 8.75
C SER A 60 -22.04 10.57 8.58
N ARG A 61 -21.65 11.21 9.68
CA ARG A 61 -20.94 12.49 9.61
C ARG A 61 -19.44 12.30 9.34
N LEU A 1 -11.53 -10.35 13.84
CA LEU A 1 -10.14 -10.54 13.32
C LEU A 1 -9.41 -9.19 13.19
N PRO A 2 -9.32 -8.42 14.29
CA PRO A 2 -8.63 -7.12 14.28
C PRO A 2 -7.14 -7.25 13.97
N ALA A 3 -6.48 -8.19 14.63
CA ALA A 3 -5.06 -8.43 14.43
C ALA A 3 -4.78 -8.87 12.99
N ARG A 4 -5.68 -9.68 12.43
CA ARG A 4 -5.52 -10.15 11.05
C ARG A 4 -5.41 -8.96 10.10
N VAL A 5 -6.07 -7.87 10.45
CA VAL A 5 -6.01 -6.63 9.67
C VAL A 5 -4.61 -6.07 9.69
N GLY A 6 -4.26 -5.53 10.86
CA GLY A 6 -2.96 -4.93 11.07
C GLY A 6 -1.79 -5.82 10.65
N LEU A 7 -1.95 -7.13 10.77
CA LEU A 7 -0.89 -8.06 10.39
C LEU A 7 -0.72 -8.08 8.88
N GLY A 8 -1.85 -8.17 8.17
CA GLY A 8 -1.83 -8.19 6.71
C GLY A 8 -1.28 -6.90 6.14
N ILE A 9 -1.70 -5.77 6.70
CA ILE A 9 -1.25 -4.47 6.26
C ILE A 9 0.24 -4.30 6.53
N THR A 10 0.69 -4.70 7.72
CA THR A 10 2.09 -4.61 8.09
C THR A 10 2.94 -5.51 7.18
N THR A 11 2.33 -6.57 6.68
CA THR A 11 3.02 -7.44 5.75
C THR A 11 3.22 -6.64 4.47
N VAL A 12 2.17 -5.86 4.17
CA VAL A 12 2.15 -5.02 2.99
C VAL A 12 3.10 -3.82 3.08
N LEU A 13 3.14 -3.12 4.21
CA LEU A 13 4.00 -1.97 4.35
C LEU A 13 5.47 -2.39 4.37
N THR A 14 5.73 -3.61 4.87
CA THR A 14 7.09 -4.14 4.91
C THR A 14 7.54 -4.42 3.48
N LEU A 15 6.69 -5.11 2.74
CA LEU A 15 6.98 -5.42 1.35
C LEU A 15 6.90 -4.14 0.52
N THR A 16 6.15 -3.13 0.98
CA THR A 16 6.06 -1.87 0.29
C THR A 16 7.44 -1.23 0.23
N THR A 17 8.14 -1.25 1.38
CA THR A 17 9.48 -0.72 1.47
C THR A 17 10.45 -1.54 0.62
N GLN A 18 10.28 -2.87 0.65
CA GLN A 18 11.15 -3.76 -0.13
C GLN A 18 10.88 -3.65 -1.63
N SER A 19 9.63 -3.91 -2.03
CA SER A 19 9.22 -3.84 -3.43
C SER A 19 9.63 -2.51 -4.08
N SER A 20 9.45 -1.40 -3.36
CA SER A 20 9.81 -0.08 -3.88
C SER A 20 11.33 0.05 -4.09
N GLY A 21 12.10 -0.57 -3.20
CA GLY A 21 13.55 -0.51 -3.31
C GLY A 21 14.11 0.83 -2.87
N SER A 22 13.71 1.27 -1.68
CA SER A 22 14.16 2.54 -1.12
C SER A 22 15.27 2.32 -0.10
N ARG A 23 16.41 1.80 -0.59
CA ARG A 23 17.54 1.53 0.29
C ARG A 23 18.88 1.64 -0.44
N ALA A 24 18.98 0.99 -1.60
CA ALA A 24 20.21 1.02 -2.39
C ALA A 24 20.00 0.43 -3.79
N SER A 25 19.47 -0.80 -3.84
CA SER A 25 19.23 -1.47 -5.11
C SER A 25 18.12 -0.77 -5.90
N LEU A 26 18.47 -0.25 -7.08
CA LEU A 26 17.51 0.44 -7.94
C LEU A 26 18.16 0.84 -9.27
N PRO A 27 18.73 -0.14 -10.01
CA PRO A 27 19.38 0.12 -11.30
C PRO A 27 18.41 0.60 -12.38
N LYS A 28 17.34 -0.18 -12.61
CA LYS A 28 16.34 0.16 -13.62
C LYS A 28 15.20 -0.86 -13.62
N VAL A 29 15.55 -2.15 -13.62
CA VAL A 29 14.56 -3.22 -13.59
C VAL A 29 13.75 -3.18 -12.30
N SER A 30 14.45 -2.98 -11.18
CA SER A 30 13.82 -2.90 -9.88
C SER A 30 12.99 -1.62 -9.76
N TYR A 31 13.49 -0.53 -10.34
CA TYR A 31 12.82 0.76 -10.30
C TYR A 31 11.46 0.72 -11.02
N VAL A 32 11.47 0.27 -12.28
CA VAL A 32 10.25 0.19 -13.07
C VAL A 32 9.22 -0.73 -12.42
N LYS A 33 9.67 -1.88 -11.93
CA LYS A 33 8.78 -2.84 -11.27
C LYS A 33 8.32 -2.30 -9.92
N ALA A 34 9.24 -1.67 -9.17
CA ALA A 34 8.92 -1.09 -7.88
C ALA A 34 7.73 -0.16 -8.03
N ILE A 35 7.80 0.73 -9.02
CA ILE A 35 6.72 1.64 -9.31
C ILE A 35 5.69 0.94 -10.17
N ASP A 36 5.11 -0.06 -9.54
CA ASP A 36 4.10 -0.93 -10.14
C ASP A 36 3.67 -2.02 -9.15
N ILE A 37 4.64 -2.54 -8.38
CA ILE A 37 4.42 -3.61 -7.42
C ILE A 37 3.81 -3.09 -6.12
N TRP A 38 4.48 -2.14 -5.48
CA TRP A 38 3.98 -1.58 -4.23
C TRP A 38 2.90 -0.56 -4.52
N LEU A 39 3.00 0.14 -5.66
CA LEU A 39 1.95 1.06 -6.02
C LEU A 39 0.65 0.28 -6.06
N ALA A 40 0.77 -1.03 -6.33
CA ALA A 40 -0.36 -1.94 -6.32
C ALA A 40 -0.65 -2.39 -4.88
N VAL A 41 -0.53 -1.45 -3.98
CA VAL A 41 -0.73 -1.60 -2.54
C VAL A 41 -0.90 -0.20 -1.99
N CYS A 42 0.04 0.66 -2.38
CA CYS A 42 -0.01 2.07 -1.98
C CYS A 42 -1.21 2.74 -2.64
N LEU A 43 -1.44 2.41 -3.91
CA LEU A 43 -2.55 2.96 -4.68
C LEU A 43 -3.91 2.49 -4.14
N LEU A 44 -4.04 1.18 -3.95
CA LEU A 44 -5.28 0.58 -3.46
C LEU A 44 -5.57 0.99 -2.01
N PHE A 45 -4.55 0.91 -1.16
CA PHE A 45 -4.70 1.25 0.26
C PHE A 45 -5.06 2.72 0.46
N VAL A 46 -4.30 3.63 -0.18
CA VAL A 46 -4.55 5.06 -0.05
C VAL A 46 -5.92 5.43 -0.63
N PHE A 47 -6.18 4.95 -1.85
CA PHE A 47 -7.45 5.23 -2.53
C PHE A 47 -8.63 4.74 -1.68
N SER A 48 -8.54 3.50 -1.19
CA SER A 48 -9.59 2.90 -0.36
C SER A 48 -9.80 3.73 0.91
N ALA A 49 -8.71 4.25 1.48
CA ALA A 49 -8.76 5.06 2.69
C ALA A 49 -9.52 6.36 2.43
N LEU A 50 -9.22 7.01 1.31
CA LEU A 50 -9.91 8.24 0.96
C LEU A 50 -11.39 7.94 0.77
N LEU A 51 -11.64 6.81 0.11
CA LEU A 51 -13.00 6.34 -0.11
C LEU A 51 -13.64 5.98 1.24
N GLU A 52 -12.79 5.68 2.22
CA GLU A 52 -13.24 5.33 3.56
C GLU A 52 -13.87 6.55 4.22
N TYR A 53 -13.18 7.69 4.14
CA TYR A 53 -13.70 8.92 4.70
C TYR A 53 -14.84 9.45 3.88
N ALA A 54 -14.70 9.36 2.59
CA ALA A 54 -15.75 9.83 1.72
C ALA A 54 -17.05 9.11 2.06
N ALA A 55 -16.90 7.88 2.59
CA ALA A 55 -18.06 7.10 3.05
C ALA A 55 -18.46 7.59 4.41
N VAL A 56 -17.46 8.09 5.15
CA VAL A 56 -17.68 8.70 6.44
C VAL A 56 -18.84 9.67 6.28
N ASN A 57 -18.86 10.31 5.08
CA ASN A 57 -19.91 11.23 4.69
C ASN A 57 -21.13 10.44 4.17
N PHE A 58 -20.88 9.34 3.44
CA PHE A 58 -21.99 8.52 2.91
C PHE A 58 -22.78 7.91 4.07
N VAL A 59 -22.10 7.05 4.82
CA VAL A 59 -22.71 6.39 5.98
C VAL A 59 -23.21 7.40 7.01
N SER A 60 -22.42 8.46 7.21
CA SER A 60 -22.77 9.52 8.16
C SER A 60 -22.66 9.02 9.60
N ARG A 61 -21.47 8.53 9.96
CA ARG A 61 -21.22 8.00 11.31
C ARG A 61 -21.35 9.10 12.38
N LEU A 1 -10.71 -12.75 13.00
CA LEU A 1 -9.28 -12.45 12.70
C LEU A 1 -9.00 -10.94 12.68
N PRO A 2 -9.26 -10.23 13.80
CA PRO A 2 -9.03 -8.78 13.89
C PRO A 2 -7.56 -8.42 13.71
N ALA A 3 -6.69 -9.12 14.42
CA ALA A 3 -5.25 -8.89 14.34
C ALA A 3 -4.73 -9.19 12.94
N ARG A 4 -5.30 -10.21 12.29
CA ARG A 4 -4.89 -10.58 10.93
C ARG A 4 -4.94 -9.34 10.01
N VAL A 5 -5.82 -8.40 10.33
CA VAL A 5 -5.95 -7.16 9.57
C VAL A 5 -4.64 -6.40 9.60
N GLY A 6 -4.39 -5.80 10.76
CA GLY A 6 -3.17 -5.02 10.97
C GLY A 6 -1.92 -5.82 10.62
N LEU A 7 -1.95 -7.13 10.90
CA LEU A 7 -0.84 -8.02 10.61
C LEU A 7 -0.62 -8.15 9.10
N GLY A 8 -1.70 -8.39 8.36
CA GLY A 8 -1.61 -8.51 6.92
C GLY A 8 -1.09 -7.25 6.27
N ILE A 9 -1.64 -6.10 6.66
CA ILE A 9 -1.23 -4.82 6.14
C ILE A 9 0.23 -4.55 6.46
N THR A 10 0.65 -4.83 7.69
CA THR A 10 2.02 -4.63 8.10
C THR A 10 2.96 -5.52 7.30
N THR A 11 2.47 -6.67 6.86
CA THR A 11 3.25 -7.54 6.02
C THR A 11 3.44 -6.81 4.69
N VAL A 12 2.37 -6.13 4.30
CA VAL A 12 2.33 -5.37 3.06
C VAL A 12 3.19 -4.10 3.11
N LEU A 13 3.11 -3.31 4.18
CA LEU A 13 3.86 -2.08 4.27
C LEU A 13 5.36 -2.38 4.37
N THR A 14 5.70 -3.54 4.92
CA THR A 14 7.09 -3.96 5.03
C THR A 14 7.62 -4.28 3.63
N LEU A 15 6.85 -5.12 2.92
CA LEU A 15 7.21 -5.50 1.58
C LEU A 15 7.05 -4.30 0.64
N THR A 16 6.23 -3.31 1.05
CA THR A 16 6.02 -2.11 0.25
C THR A 16 7.31 -1.31 0.23
N THR A 17 7.93 -1.17 1.40
CA THR A 17 9.19 -0.47 1.54
C THR A 17 10.24 -1.18 0.68
N GLN A 18 10.20 -2.52 0.71
CA GLN A 18 11.12 -3.34 -0.06
C GLN A 18 10.83 -3.24 -1.57
N SER A 19 9.55 -3.37 -1.94
CA SER A 19 9.13 -3.30 -3.34
C SER A 19 9.47 -1.95 -3.97
N SER A 20 9.28 -0.86 -3.21
CA SER A 20 9.58 0.49 -3.71
C SER A 20 11.08 0.69 -3.93
N GLY A 21 11.89 0.33 -2.93
CA GLY A 21 13.33 0.50 -3.05
C GLY A 21 14.08 0.18 -1.76
N SER A 22 13.88 -1.02 -1.23
CA SER A 22 14.55 -1.43 0.00
C SER A 22 14.77 -2.94 0.03
N ARG A 23 15.20 -3.50 -1.10
CA ARG A 23 15.46 -4.93 -1.21
C ARG A 23 16.06 -5.28 -2.57
N ALA A 24 15.45 -4.75 -3.64
CA ALA A 24 15.91 -5.01 -5.00
C ALA A 24 17.32 -4.47 -5.23
N SER A 25 17.55 -3.21 -4.84
CA SER A 25 18.86 -2.57 -4.99
C SER A 25 19.29 -2.54 -6.46
N LEU A 26 18.49 -1.84 -7.29
CA LEU A 26 18.77 -1.72 -8.72
C LEU A 26 17.83 -0.70 -9.34
N PRO A 27 18.37 0.46 -9.75
CA PRO A 27 17.58 1.55 -10.34
C PRO A 27 17.35 1.40 -11.85
N LYS A 28 16.82 0.24 -12.27
CA LYS A 28 16.54 -0.02 -13.67
C LYS A 28 15.39 -1.02 -13.81
N VAL A 29 15.73 -2.32 -13.94
CA VAL A 29 14.71 -3.37 -14.06
C VAL A 29 13.84 -3.44 -12.81
N SER A 30 14.49 -3.38 -11.64
CA SER A 30 13.79 -3.43 -10.37
C SER A 30 13.06 -2.11 -10.11
N TYR A 31 13.68 -1.00 -10.51
CA TYR A 31 13.09 0.33 -10.33
C TYR A 31 11.73 0.45 -11.03
N VAL A 32 11.69 0.08 -12.31
CA VAL A 32 10.45 0.15 -13.08
C VAL A 32 9.37 -0.74 -12.45
N LYS A 33 9.77 -1.92 -11.98
CA LYS A 33 8.85 -2.84 -11.33
C LYS A 33 8.36 -2.25 -10.01
N ALA A 34 9.30 -1.64 -9.27
CA ALA A 34 9.00 -1.01 -7.99
C ALA A 34 7.88 0.01 -8.14
N ILE A 35 7.99 0.85 -9.17
CA ILE A 35 6.96 1.84 -9.44
C ILE A 35 5.83 1.24 -10.24
N ASP A 36 5.14 0.36 -9.54
CA ASP A 36 3.99 -0.40 -10.06
C ASP A 36 3.59 -1.50 -9.07
N ILE A 37 4.59 -2.09 -8.40
CA ILE A 37 4.37 -3.17 -7.44
C ILE A 37 3.80 -2.62 -6.14
N TRP A 38 4.50 -1.68 -5.52
CA TRP A 38 4.02 -1.08 -4.30
C TRP A 38 2.97 -0.04 -4.63
N LEU A 39 3.13 0.65 -5.76
CA LEU A 39 2.14 1.62 -6.15
C LEU A 39 0.78 0.93 -6.17
N ALA A 40 0.81 -0.38 -6.39
CA ALA A 40 -0.40 -1.19 -6.36
C ALA A 40 -0.98 -1.20 -4.94
N VAL A 41 -0.09 -1.24 -3.95
CA VAL A 41 -0.47 -1.18 -2.54
C VAL A 41 -0.82 0.26 -2.19
N CYS A 42 0.08 1.17 -2.58
CA CYS A 42 -0.11 2.59 -2.32
C CYS A 42 -1.39 3.09 -3.01
N LEU A 43 -1.68 2.58 -4.21
CA LEU A 43 -2.86 2.98 -4.96
C LEU A 43 -4.14 2.41 -4.33
N LEU A 44 -4.12 1.12 -3.96
CA LEU A 44 -5.28 0.48 -3.34
C LEU A 44 -5.54 1.04 -1.93
N PHE A 45 -4.48 1.10 -1.13
CA PHE A 45 -4.57 1.58 0.24
C PHE A 45 -5.02 3.04 0.32
N VAL A 46 -4.37 3.92 -0.45
CA VAL A 46 -4.73 5.34 -0.45
C VAL A 46 -6.15 5.55 -0.99
N PHE A 47 -6.44 4.92 -2.13
CA PHE A 47 -7.77 5.02 -2.75
C PHE A 47 -8.86 4.55 -1.79
N SER A 48 -8.63 3.40 -1.16
CA SER A 48 -9.59 2.84 -0.21
C SER A 48 -9.76 3.75 1.01
N ALA A 49 -8.66 4.38 1.44
CA ALA A 49 -8.67 5.29 2.58
C ALA A 49 -9.48 6.55 2.29
N LEU A 50 -9.25 7.17 1.14
CA LEU A 50 -10.00 8.37 0.78
C LEU A 50 -11.47 8.01 0.62
N LEU A 51 -11.71 6.83 0.03
CA LEU A 51 -13.06 6.33 -0.11
C LEU A 51 -13.65 6.04 1.26
N GLU A 52 -12.74 5.78 2.23
CA GLU A 52 -13.14 5.48 3.60
C GLU A 52 -13.75 6.73 4.23
N TYR A 53 -13.09 7.88 4.06
CA TYR A 53 -13.60 9.12 4.59
C TYR A 53 -14.80 9.60 3.80
N ALA A 54 -14.71 9.46 2.51
CA ALA A 54 -15.81 9.87 1.67
C ALA A 54 -17.08 9.13 2.11
N ALA A 55 -16.88 7.94 2.70
CA ALA A 55 -18.00 7.17 3.23
C ALA A 55 -18.33 7.69 4.62
N VAL A 56 -17.31 8.24 5.26
CA VAL A 56 -17.46 8.88 6.54
C VAL A 56 -18.66 9.81 6.41
N ASN A 57 -18.75 10.44 5.23
CA ASN A 57 -19.84 11.32 4.87
C ASN A 57 -21.05 10.50 4.40
N PHE A 58 -20.80 9.38 3.68
CA PHE A 58 -21.87 8.53 3.21
C PHE A 58 -22.63 7.91 4.38
N VAL A 59 -21.90 7.21 5.25
CA VAL A 59 -22.49 6.57 6.42
C VAL A 59 -23.10 7.61 7.38
N SER A 60 -22.36 8.68 7.65
CA SER A 60 -22.84 9.73 8.54
C SER A 60 -24.09 10.42 7.97
N ARG A 61 -25.09 10.60 8.82
CA ARG A 61 -26.34 11.24 8.41
C ARG A 61 -26.16 12.74 8.14
N LEU A 1 -10.57 -12.80 13.36
CA LEU A 1 -9.16 -12.54 12.93
C LEU A 1 -8.82 -11.05 12.99
N PRO A 2 -8.91 -10.44 14.20
CA PRO A 2 -8.59 -9.01 14.38
C PRO A 2 -7.13 -8.71 14.11
N ALA A 3 -6.24 -9.51 14.69
CA ALA A 3 -4.80 -9.35 14.50
C ALA A 3 -4.41 -9.53 13.03
N ARG A 4 -5.08 -10.47 12.35
CA ARG A 4 -4.80 -10.72 10.94
C ARG A 4 -4.86 -9.41 10.14
N VAL A 5 -5.68 -8.47 10.61
CA VAL A 5 -5.80 -7.16 9.97
C VAL A 5 -4.47 -6.44 9.97
N GLY A 6 -4.10 -5.97 11.16
CA GLY A 6 -2.84 -5.27 11.34
C GLY A 6 -1.66 -6.06 10.82
N LEU A 7 -1.72 -7.39 10.99
CA LEU A 7 -0.66 -8.29 10.53
C LEU A 7 -0.56 -8.28 9.01
N GLY A 8 -1.71 -8.40 8.33
CA GLY A 8 -1.73 -8.40 6.89
C GLY A 8 -1.20 -7.10 6.31
N ILE A 9 -1.66 -5.98 6.86
CA ILE A 9 -1.23 -4.66 6.42
C ILE A 9 0.27 -4.48 6.65
N THR A 10 0.76 -4.89 7.83
CA THR A 10 2.16 -4.78 8.16
C THR A 10 3.00 -5.64 7.21
N THR A 11 2.39 -6.69 6.68
CA THR A 11 3.08 -7.51 5.71
C THR A 11 3.21 -6.67 4.45
N VAL A 12 2.12 -5.94 4.17
CA VAL A 12 2.04 -5.07 3.01
C VAL A 12 2.98 -3.87 3.09
N LEU A 13 3.06 -3.19 4.25
CA LEU A 13 3.90 -2.04 4.39
C LEU A 13 5.38 -2.44 4.35
N THR A 14 5.68 -3.68 4.80
CA THR A 14 7.03 -4.19 4.75
C THR A 14 7.42 -4.28 3.28
N LEU A 15 6.55 -4.92 2.49
CA LEU A 15 6.75 -5.05 1.07
C LEU A 15 6.76 -3.67 0.41
N THR A 16 5.92 -2.75 0.89
CA THR A 16 5.86 -1.41 0.35
C THR A 16 7.26 -0.82 0.29
N THR A 17 8.03 -1.02 1.37
CA THR A 17 9.39 -0.52 1.45
C THR A 17 10.36 -1.35 0.59
N GLN A 18 10.24 -2.67 0.69
CA GLN A 18 11.12 -3.59 -0.06
C GLN A 18 10.83 -3.56 -1.57
N SER A 19 9.60 -3.90 -1.95
CA SER A 19 9.20 -3.92 -3.36
C SER A 19 9.61 -2.64 -4.08
N SER A 20 9.43 -1.49 -3.42
CA SER A 20 9.81 -0.20 -4.01
C SER A 20 11.34 -0.14 -4.19
N GLY A 21 12.06 -0.53 -3.15
CA GLY A 21 13.51 -0.53 -3.20
C GLY A 21 14.14 -0.96 -1.89
N SER A 22 14.12 -0.04 -0.91
CA SER A 22 14.70 -0.31 0.41
C SER A 22 16.19 -0.60 0.28
N ARG A 23 16.85 0.21 -0.56
CA ARG A 23 18.27 0.05 -0.82
C ARG A 23 18.91 1.37 -1.27
N ALA A 24 18.96 1.59 -2.59
CA ALA A 24 19.54 2.81 -3.17
C ALA A 24 19.52 2.77 -4.69
N SER A 25 19.95 1.63 -5.25
CA SER A 25 19.98 1.46 -6.70
C SER A 25 18.57 1.55 -7.30
N LEU A 26 18.46 2.22 -8.44
CA LEU A 26 17.18 2.38 -9.13
C LEU A 26 17.39 2.82 -10.58
N PRO A 27 18.15 2.02 -11.36
CA PRO A 27 18.44 2.32 -12.77
C PRO A 27 17.20 2.29 -13.66
N LYS A 28 16.48 1.17 -13.63
CA LYS A 28 15.26 1.02 -14.45
C LYS A 28 14.56 -0.31 -14.17
N VAL A 29 15.33 -1.41 -14.16
CA VAL A 29 14.77 -2.74 -13.90
C VAL A 29 13.97 -2.77 -12.59
N SER A 30 14.54 -2.17 -11.55
CA SER A 30 13.87 -2.12 -10.25
C SER A 30 12.83 -1.01 -10.21
N TYR A 31 13.13 0.10 -10.88
CA TYR A 31 12.24 1.26 -10.94
C TYR A 31 10.87 0.89 -11.51
N VAL A 32 10.86 0.23 -12.68
CA VAL A 32 9.62 -0.17 -13.32
C VAL A 32 8.84 -1.19 -12.49
N LYS A 33 9.54 -2.20 -11.97
CA LYS A 33 8.90 -3.24 -11.15
C LYS A 33 8.36 -2.65 -9.85
N ALA A 34 9.19 -1.82 -9.19
CA ALA A 34 8.80 -1.17 -7.94
C ALA A 34 7.57 -0.32 -8.12
N ILE A 35 7.56 0.52 -9.15
CA ILE A 35 6.42 1.38 -9.42
C ILE A 35 5.37 0.65 -10.20
N ASP A 36 4.82 -0.34 -9.51
CA ASP A 36 3.77 -1.23 -10.00
C ASP A 36 3.45 -2.31 -8.95
N ILE A 37 4.48 -2.77 -8.25
CA ILE A 37 4.35 -3.81 -7.24
C ILE A 37 3.77 -3.26 -5.94
N TRP A 38 4.44 -2.26 -5.37
CA TRP A 38 3.96 -1.65 -4.13
C TRP A 38 2.86 -0.66 -4.43
N LEU A 39 2.93 0.00 -5.59
CA LEU A 39 1.85 0.90 -5.97
C LEU A 39 0.56 0.09 -5.95
N ALA A 40 0.69 -1.22 -6.19
CA ALA A 40 -0.43 -2.14 -6.11
C ALA A 40 -0.69 -2.55 -4.66
N VAL A 41 -0.56 -1.57 -3.80
CA VAL A 41 -0.74 -1.67 -2.34
C VAL A 41 -0.91 -0.26 -1.85
N CYS A 42 0.01 0.61 -2.28
CA CYS A 42 -0.04 2.02 -1.94
C CYS A 42 -1.25 2.67 -2.61
N LEU A 43 -1.49 2.29 -3.86
CA LEU A 43 -2.62 2.80 -4.65
C LEU A 43 -3.96 2.33 -4.08
N LEU A 44 -4.09 1.02 -3.88
CA LEU A 44 -5.32 0.44 -3.37
C LEU A 44 -5.62 0.89 -1.94
N PHE A 45 -4.60 0.88 -1.09
CA PHE A 45 -4.74 1.27 0.31
C PHE A 45 -5.10 2.75 0.48
N VAL A 46 -4.34 3.63 -0.19
CA VAL A 46 -4.59 5.07 -0.11
C VAL A 46 -5.96 5.43 -0.68
N PHE A 47 -6.24 4.93 -1.88
CA PHE A 47 -7.52 5.20 -2.55
C PHE A 47 -8.70 4.72 -1.71
N SER A 48 -8.62 3.47 -1.22
CA SER A 48 -9.69 2.90 -0.39
C SER A 48 -9.88 3.72 0.89
N ALA A 49 -8.78 4.21 1.46
CA ALA A 49 -8.82 5.00 2.69
C ALA A 49 -9.52 6.34 2.45
N LEU A 50 -9.16 7.01 1.35
CA LEU A 50 -9.79 8.28 1.01
C LEU A 50 -11.27 8.05 0.76
N LEU A 51 -11.55 6.98 0.02
CA LEU A 51 -12.92 6.57 -0.26
C LEU A 51 -13.61 6.20 1.06
N GLU A 52 -12.81 5.80 2.04
CA GLU A 52 -13.32 5.41 3.35
C GLU A 52 -13.92 6.62 4.05
N TYR A 53 -13.17 7.73 4.03
CA TYR A 53 -13.65 8.96 4.63
C TYR A 53 -14.77 9.57 3.81
N ALA A 54 -14.60 9.54 2.52
CA ALA A 54 -15.61 10.08 1.64
C ALA A 54 -16.94 9.39 1.94
N ALA A 55 -16.86 8.15 2.43
CA ALA A 55 -18.05 7.40 2.82
C ALA A 55 -18.45 7.83 4.21
N VAL A 56 -17.45 8.25 4.99
CA VAL A 56 -17.65 8.79 6.31
C VAL A 56 -18.78 9.81 6.18
N ASN A 57 -18.76 10.52 5.03
CA ASN A 57 -19.77 11.50 4.68
C ASN A 57 -20.98 10.81 4.03
N PHE A 58 -20.74 9.75 3.25
CA PHE A 58 -21.84 9.03 2.59
C PHE A 58 -22.73 8.34 3.63
N VAL A 59 -22.12 7.46 4.43
CA VAL A 59 -22.83 6.74 5.47
C VAL A 59 -23.27 7.67 6.59
N SER A 60 -22.40 8.60 6.98
CA SER A 60 -22.69 9.58 8.04
C SER A 60 -23.29 8.89 9.28
N ARG A 61 -22.66 7.80 9.71
CA ARG A 61 -23.12 7.05 10.88
C ARG A 61 -21.96 6.37 11.61
N LEU A 1 -10.50 -12.95 13.55
CA LEU A 1 -9.14 -12.64 13.01
C LEU A 1 -8.81 -11.15 13.06
N PRO A 2 -8.97 -10.49 14.24
CA PRO A 2 -8.67 -9.07 14.39
C PRO A 2 -7.20 -8.75 14.12
N ALA A 3 -6.31 -9.52 14.72
CA ALA A 3 -4.87 -9.33 14.54
C ALA A 3 -4.47 -9.50 13.07
N ARG A 4 -5.09 -10.48 12.39
CA ARG A 4 -4.81 -10.72 10.97
C ARG A 4 -4.87 -9.42 10.18
N VAL A 5 -5.71 -8.49 10.63
CA VAL A 5 -5.84 -7.18 9.99
C VAL A 5 -4.49 -6.49 9.95
N GLY A 6 -4.08 -6.03 11.13
CA GLY A 6 -2.81 -5.35 11.28
C GLY A 6 -1.65 -6.19 10.75
N LEU A 7 -1.77 -7.51 10.92
CA LEU A 7 -0.76 -8.45 10.44
C LEU A 7 -0.63 -8.39 8.92
N GLY A 8 -1.77 -8.45 8.23
CA GLY A 8 -1.79 -8.39 6.78
C GLY A 8 -1.23 -7.09 6.26
N ILE A 9 -1.64 -5.98 6.87
CA ILE A 9 -1.16 -4.67 6.49
C ILE A 9 0.33 -4.53 6.73
N THR A 10 0.81 -4.99 7.89
CA THR A 10 2.22 -4.94 8.23
C THR A 10 3.03 -5.78 7.24
N THR A 11 2.41 -6.81 6.68
CA THR A 11 3.07 -7.60 5.68
C THR A 11 3.22 -6.71 4.45
N VAL A 12 2.15 -5.95 4.21
CA VAL A 12 2.08 -5.03 3.08
C VAL A 12 3.04 -3.84 3.22
N LEU A 13 3.13 -3.21 4.40
CA LEU A 13 4.00 -2.08 4.58
C LEU A 13 5.46 -2.51 4.48
N THR A 14 5.73 -3.79 4.83
CA THR A 14 7.07 -4.33 4.71
C THR A 14 7.41 -4.34 3.23
N LEU A 15 6.48 -4.89 2.44
CA LEU A 15 6.62 -4.93 0.99
C LEU A 15 6.65 -3.51 0.42
N THR A 16 5.91 -2.59 1.02
CA THR A 16 5.89 -1.21 0.57
C THR A 16 7.31 -0.66 0.54
N THR A 17 8.09 -0.99 1.58
CA THR A 17 9.47 -0.55 1.68
C THR A 17 10.41 -1.36 0.77
N GLN A 18 10.26 -2.69 0.80
CA GLN A 18 11.09 -3.58 -0.01
C GLN A 18 10.74 -3.53 -1.50
N SER A 19 9.47 -3.82 -1.82
CA SER A 19 8.98 -3.80 -3.20
C SER A 19 9.40 -2.52 -3.92
N SER A 20 9.29 -1.38 -3.24
CA SER A 20 9.68 -0.09 -3.83
C SER A 20 11.19 -0.04 -4.08
N GLY A 21 11.97 -0.56 -3.13
CA GLY A 21 13.42 -0.56 -3.26
C GLY A 21 14.02 0.83 -3.14
N SER A 22 13.57 1.59 -2.13
CA SER A 22 14.08 2.94 -1.91
C SER A 22 15.44 2.89 -1.21
N ARG A 23 15.53 2.04 -0.18
CA ARG A 23 16.76 1.88 0.58
C ARG A 23 17.90 1.37 -0.30
N ALA A 24 17.63 0.31 -1.06
CA ALA A 24 18.61 -0.28 -1.95
C ALA A 24 18.90 0.65 -3.13
N SER A 25 17.84 1.20 -3.72
CA SER A 25 17.94 2.11 -4.86
C SER A 25 18.43 1.39 -6.12
N LEU A 26 17.68 1.57 -7.21
CA LEU A 26 18.03 0.95 -8.50
C LEU A 26 17.04 1.40 -9.56
N PRO A 27 17.48 2.26 -10.49
CA PRO A 27 16.64 2.80 -11.57
C PRO A 27 16.51 1.87 -12.79
N LYS A 28 16.05 0.65 -12.56
CA LYS A 28 15.87 -0.31 -13.66
C LYS A 28 14.99 -1.48 -13.20
N VAL A 29 15.61 -2.59 -12.78
CA VAL A 29 14.88 -3.76 -12.32
C VAL A 29 14.01 -3.45 -11.11
N SER A 30 14.58 -2.74 -10.13
CA SER A 30 13.85 -2.36 -8.93
C SER A 30 13.31 -0.93 -9.06
N TYR A 31 12.89 -0.58 -10.27
CA TYR A 31 12.33 0.74 -10.56
C TYR A 31 11.02 0.58 -11.32
N VAL A 32 11.07 -0.17 -12.43
CA VAL A 32 9.88 -0.43 -13.22
C VAL A 32 8.96 -1.39 -12.46
N LYS A 33 9.58 -2.45 -11.91
CA LYS A 33 8.84 -3.44 -11.14
C LYS A 33 8.32 -2.82 -9.84
N ALA A 34 9.20 -2.09 -9.16
CA ALA A 34 8.86 -1.42 -7.90
C ALA A 34 7.70 -0.45 -8.09
N ILE A 35 7.76 0.35 -9.14
CA ILE A 35 6.71 1.31 -9.42
C ILE A 35 5.57 0.66 -10.18
N ASP A 36 4.99 -0.30 -9.48
CA ASP A 36 3.86 -1.11 -9.96
C ASP A 36 3.45 -2.15 -8.91
N ILE A 37 4.46 -2.69 -8.21
CA ILE A 37 4.24 -3.71 -7.18
C ILE A 37 3.69 -3.11 -5.90
N TRP A 38 4.42 -2.19 -5.30
CA TRP A 38 3.95 -1.54 -4.09
C TRP A 38 2.93 -0.49 -4.44
N LEU A 39 3.08 0.15 -5.60
CA LEU A 39 2.10 1.13 -6.02
C LEU A 39 0.73 0.47 -6.01
N ALA A 40 0.72 -0.86 -6.20
CA ALA A 40 -0.50 -1.64 -6.14
C ALA A 40 -1.08 -1.59 -4.71
N VAL A 41 -0.18 -1.59 -3.73
CA VAL A 41 -0.54 -1.50 -2.31
C VAL A 41 -0.85 -0.05 -1.99
N CYS A 42 0.06 0.83 -2.41
CA CYS A 42 -0.10 2.27 -2.20
C CYS A 42 -1.36 2.80 -2.91
N LEU A 43 -1.64 2.28 -4.11
CA LEU A 43 -2.81 2.69 -4.89
C LEU A 43 -4.11 2.18 -4.27
N LEU A 44 -4.14 0.91 -3.86
CA LEU A 44 -5.33 0.31 -3.26
C LEU A 44 -5.58 0.86 -1.86
N PHE A 45 -4.53 0.94 -1.06
CA PHE A 45 -4.63 1.41 0.32
C PHE A 45 -5.02 2.88 0.40
N VAL A 46 -4.33 3.74 -0.37
CA VAL A 46 -4.63 5.16 -0.38
C VAL A 46 -6.02 5.43 -0.96
N PHE A 47 -6.29 4.85 -2.12
CA PHE A 47 -7.59 5.02 -2.78
C PHE A 47 -8.74 4.62 -1.84
N SER A 48 -8.62 3.45 -1.22
CA SER A 48 -9.64 2.96 -0.29
C SER A 48 -9.78 3.91 0.92
N ALA A 49 -8.66 4.51 1.34
CA ALA A 49 -8.66 5.43 2.48
C ALA A 49 -9.46 6.68 2.16
N LEU A 50 -9.26 7.26 0.97
CA LEU A 50 -10.01 8.44 0.57
C LEU A 50 -11.48 8.09 0.49
N LEU A 51 -11.77 6.93 -0.10
CA LEU A 51 -13.12 6.43 -0.21
C LEU A 51 -13.65 6.09 1.19
N GLU A 52 -12.72 5.88 2.13
CA GLU A 52 -13.08 5.56 3.51
C GLU A 52 -13.72 6.77 4.18
N TYR A 53 -13.08 7.94 3.99
CA TYR A 53 -13.61 9.17 4.54
C TYR A 53 -14.82 9.63 3.75
N ALA A 54 -14.72 9.50 2.46
CA ALA A 54 -15.82 9.90 1.61
C ALA A 54 -17.09 9.14 2.05
N ALA A 55 -16.87 7.95 2.64
CA ALA A 55 -17.97 7.15 3.17
C ALA A 55 -18.32 7.69 4.55
N VAL A 56 -17.31 8.24 5.21
CA VAL A 56 -17.48 8.88 6.49
C VAL A 56 -18.68 9.81 6.36
N ASN A 57 -18.79 10.40 5.16
CA ASN A 57 -19.89 11.27 4.79
C ASN A 57 -21.08 10.45 4.27
N PHE A 58 -20.80 9.34 3.57
CA PHE A 58 -21.87 8.49 3.05
C PHE A 58 -22.63 7.83 4.19
N VAL A 59 -21.92 7.08 5.02
CA VAL A 59 -22.51 6.41 6.18
C VAL A 59 -22.98 7.42 7.23
N SER A 60 -22.15 8.44 7.47
CA SER A 60 -22.45 9.49 8.45
C SER A 60 -22.43 8.94 9.89
N ARG A 61 -21.74 9.67 10.76
CA ARG A 61 -21.62 9.27 12.17
C ARG A 61 -22.98 9.35 12.89
N LEU A 1 -9.44 -12.14 14.07
CA LEU A 1 -9.82 -11.28 12.91
C LEU A 1 -9.15 -9.90 12.98
N PRO A 2 -9.23 -9.20 14.14
CA PRO A 2 -8.62 -7.88 14.30
C PRO A 2 -7.12 -7.90 14.00
N ALA A 3 -6.42 -8.85 14.59
CA ALA A 3 -4.98 -9.00 14.38
C ALA A 3 -4.67 -9.32 12.92
N ARG A 4 -5.53 -10.11 12.28
CA ARG A 4 -5.36 -10.45 10.87
C ARG A 4 -5.22 -9.18 10.02
N VAL A 5 -5.91 -8.13 10.45
CA VAL A 5 -5.85 -6.84 9.77
C VAL A 5 -4.44 -6.28 9.83
N GLY A 6 -4.08 -5.84 11.03
CA GLY A 6 -2.77 -5.27 11.27
C GLY A 6 -1.62 -6.15 10.79
N LEU A 7 -1.81 -7.47 10.83
CA LEU A 7 -0.75 -8.39 10.40
C LEU A 7 -0.62 -8.34 8.88
N GLY A 8 -1.76 -8.40 8.19
CA GLY A 8 -1.77 -8.36 6.74
C GLY A 8 -1.19 -7.06 6.21
N ILE A 9 -1.59 -5.94 6.80
CA ILE A 9 -1.10 -4.63 6.41
C ILE A 9 0.39 -4.51 6.68
N THR A 10 0.85 -4.96 7.85
CA THR A 10 2.25 -4.90 8.21
C THR A 10 3.07 -5.78 7.25
N THR A 11 2.45 -6.80 6.69
CA THR A 11 3.12 -7.62 5.73
C THR A 11 3.29 -6.75 4.48
N VAL A 12 2.23 -5.99 4.19
CA VAL A 12 2.20 -5.09 3.05
C VAL A 12 3.16 -3.92 3.18
N LEU A 13 3.24 -3.28 4.35
CA LEU A 13 4.12 -2.14 4.52
C LEU A 13 5.58 -2.58 4.48
N THR A 14 5.85 -3.84 4.89
CA THR A 14 7.20 -4.38 4.83
C THR A 14 7.57 -4.43 3.36
N LEU A 15 6.67 -5.02 2.57
CA LEU A 15 6.86 -5.11 1.13
C LEU A 15 6.89 -3.71 0.51
N THR A 16 6.10 -2.79 1.05
CA THR A 16 6.09 -1.43 0.54
C THR A 16 7.51 -0.88 0.51
N THR A 17 8.29 -1.19 1.56
CA THR A 17 9.67 -0.76 1.66
C THR A 17 10.57 -1.55 0.71
N GLN A 18 10.37 -2.87 0.66
CA GLN A 18 11.18 -3.75 -0.19
C GLN A 18 10.83 -3.58 -1.68
N SER A 19 9.56 -3.85 -2.02
CA SER A 19 9.08 -3.74 -3.40
C SER A 19 9.51 -2.40 -4.04
N SER A 20 9.40 -1.31 -3.28
CA SER A 20 9.80 0.02 -3.78
C SER A 20 11.30 0.07 -4.06
N GLY A 21 12.09 -0.60 -3.20
CA GLY A 21 13.52 -0.64 -3.37
C GLY A 21 14.18 -1.61 -2.41
N SER A 22 14.35 -1.18 -1.16
CA SER A 22 14.96 -2.01 -0.10
C SER A 22 15.32 -1.13 1.09
N ARG A 23 15.91 0.03 0.80
CA ARG A 23 16.32 0.96 1.83
C ARG A 23 16.79 2.29 1.21
N ALA A 24 17.53 2.19 0.11
CA ALA A 24 18.05 3.38 -0.58
C ALA A 24 18.35 3.08 -2.06
N SER A 25 18.97 1.92 -2.32
CA SER A 25 19.32 1.51 -3.67
C SER A 25 18.11 1.55 -4.59
N LEU A 26 18.29 2.11 -5.80
CA LEU A 26 17.21 2.23 -6.77
C LEU A 26 17.75 2.70 -8.12
N PRO A 27 18.65 1.90 -8.75
CA PRO A 27 19.28 2.24 -10.03
C PRO A 27 18.27 2.40 -11.18
N LYS A 28 17.52 1.33 -11.48
CA LYS A 28 16.53 1.36 -12.57
C LYS A 28 15.76 0.05 -12.67
N VAL A 29 16.47 -1.08 -12.59
CA VAL A 29 15.81 -2.40 -12.67
C VAL A 29 14.74 -2.54 -11.58
N SER A 30 15.10 -2.18 -10.36
CA SER A 30 14.18 -2.23 -9.23
C SER A 30 13.19 -1.05 -9.29
N TYR A 31 13.67 0.09 -9.81
CA TYR A 31 12.85 1.30 -9.93
C TYR A 31 11.58 1.06 -10.75
N VAL A 32 11.73 0.52 -11.96
CA VAL A 32 10.60 0.26 -12.84
C VAL A 32 9.60 -0.72 -12.22
N LYS A 33 10.10 -1.82 -11.66
CA LYS A 33 9.25 -2.82 -11.02
C LYS A 33 8.60 -2.26 -9.75
N ALA A 34 9.39 -1.51 -8.98
CA ALA A 34 8.93 -0.91 -7.73
C ALA A 34 7.72 -0.02 -7.96
N ILE A 35 7.81 0.84 -8.98
CA ILE A 35 6.71 1.74 -9.29
C ILE A 35 5.66 1.05 -10.14
N ASP A 36 5.03 0.09 -9.47
CA ASP A 36 3.98 -0.76 -10.02
C ASP A 36 3.56 -1.82 -8.99
N ILE A 37 4.54 -2.32 -8.23
CA ILE A 37 4.31 -3.35 -7.23
C ILE A 37 3.74 -2.79 -5.94
N TRP A 38 4.46 -1.88 -5.30
CA TRP A 38 3.98 -1.27 -4.08
C TRP A 38 2.96 -0.20 -4.40
N LEU A 39 3.14 0.49 -5.52
CA LEU A 39 2.16 1.48 -5.91
C LEU A 39 0.80 0.82 -5.95
N ALA A 40 0.80 -0.50 -6.18
CA ALA A 40 -0.42 -1.29 -6.18
C ALA A 40 -1.01 -1.32 -4.76
N VAL A 41 -0.13 -1.36 -3.76
CA VAL A 41 -0.52 -1.33 -2.35
C VAL A 41 -0.84 0.11 -1.97
N CYS A 42 0.07 1.02 -2.34
CA CYS A 42 -0.11 2.44 -2.07
C CYS A 42 -1.37 2.98 -2.78
N LEU A 43 -1.63 2.50 -4.00
CA LEU A 43 -2.79 2.93 -4.78
C LEU A 43 -4.09 2.40 -4.18
N LEU A 44 -4.10 1.10 -3.83
CA LEU A 44 -5.29 0.47 -3.26
C LEU A 44 -5.58 0.98 -1.85
N PHE A 45 -4.54 1.03 -1.02
CA PHE A 45 -4.66 1.48 0.36
C PHE A 45 -5.09 2.95 0.46
N VAL A 46 -4.42 3.82 -0.29
CA VAL A 46 -4.74 5.24 -0.28
C VAL A 46 -6.13 5.50 -0.85
N PHE A 47 -6.41 4.90 -2.01
CA PHE A 47 -7.71 5.06 -2.67
C PHE A 47 -8.85 4.61 -1.75
N SER A 48 -8.72 3.42 -1.16
CA SER A 48 -9.73 2.89 -0.26
C SER A 48 -9.91 3.79 0.96
N ALA A 49 -8.80 4.36 1.45
CA ALA A 49 -8.83 5.25 2.60
C ALA A 49 -9.60 6.53 2.29
N LEU A 50 -9.35 7.10 1.11
CA LEU A 50 -10.07 8.31 0.70
C LEU A 50 -11.54 7.98 0.57
N LEU A 51 -11.81 6.82 -0.03
CA LEU A 51 -13.16 6.31 -0.18
C LEU A 51 -13.76 6.05 1.20
N GLU A 52 -12.88 5.81 2.17
CA GLU A 52 -13.29 5.53 3.55
C GLU A 52 -13.90 6.79 4.15
N TYR A 53 -13.21 7.93 3.97
CA TYR A 53 -13.70 9.19 4.48
C TYR A 53 -14.88 9.67 3.68
N ALA A 54 -14.81 9.51 2.39
CA ALA A 54 -15.89 9.92 1.54
C ALA A 54 -17.17 9.21 1.99
N ALA A 55 -16.99 8.01 2.57
CA ALA A 55 -18.12 7.26 3.12
C ALA A 55 -18.46 7.82 4.47
N VAL A 56 -17.44 8.37 5.13
CA VAL A 56 -17.60 9.03 6.40
C VAL A 56 -18.79 9.98 6.22
N ASN A 57 -18.84 10.59 5.03
CA ASN A 57 -19.92 11.48 4.64
C ASN A 57 -21.15 10.66 4.23
N PHE A 58 -20.93 9.52 3.55
CA PHE A 58 -22.04 8.66 3.15
C PHE A 58 -22.78 8.11 4.35
N VAL A 59 -22.07 7.32 5.16
CA VAL A 59 -22.61 6.72 6.37
C VAL A 59 -23.20 7.76 7.33
N SER A 60 -22.45 8.84 7.60
CA SER A 60 -22.91 9.88 8.51
C SER A 60 -24.14 10.62 7.97
N ARG A 61 -24.20 10.79 6.64
CA ARG A 61 -25.31 11.47 5.99
C ARG A 61 -25.44 12.91 6.48
N LEU A 1 -11.16 -11.62 13.75
CA LEU A 1 -9.75 -11.59 13.28
C LEU A 1 -9.20 -10.17 13.20
N PRO A 2 -9.25 -9.41 14.32
CA PRO A 2 -8.74 -8.03 14.37
C PRO A 2 -7.26 -7.95 14.05
N ALA A 3 -6.48 -8.82 14.68
CA ALA A 3 -5.03 -8.86 14.46
C ALA A 3 -4.69 -9.20 13.02
N ARG A 4 -5.50 -10.08 12.41
CA ARG A 4 -5.30 -10.46 11.01
C ARG A 4 -5.24 -9.21 10.13
N VAL A 5 -6.00 -8.18 10.51
CA VAL A 5 -6.01 -6.92 9.79
C VAL A 5 -4.63 -6.27 9.82
N GLY A 6 -4.32 -5.76 11.01
CA GLY A 6 -3.04 -5.11 11.24
C GLY A 6 -1.84 -5.92 10.80
N LEU A 7 -1.94 -7.25 10.90
CA LEU A 7 -0.83 -8.13 10.52
C LEU A 7 -0.68 -8.16 9.00
N GLY A 8 -1.82 -8.32 8.31
CA GLY A 8 -1.81 -8.35 6.85
C GLY A 8 -1.30 -7.06 6.26
N ILE A 9 -1.77 -5.93 6.80
CA ILE A 9 -1.35 -4.63 6.34
C ILE A 9 0.13 -4.40 6.61
N THR A 10 0.59 -4.76 7.82
CA THR A 10 1.98 -4.61 8.18
C THR A 10 2.87 -5.49 7.29
N THR A 11 2.30 -6.56 6.76
CA THR A 11 3.02 -7.40 5.85
C THR A 11 3.17 -6.59 4.56
N VAL A 12 2.08 -5.90 4.23
CA VAL A 12 2.00 -5.06 3.04
C VAL A 12 2.91 -3.83 3.12
N LEU A 13 2.94 -3.13 4.27
CA LEU A 13 3.76 -1.94 4.39
C LEU A 13 5.24 -2.32 4.37
N THR A 14 5.56 -3.54 4.84
CA THR A 14 6.92 -4.02 4.81
C THR A 14 7.33 -4.14 3.35
N LEU A 15 6.48 -4.83 2.58
CA LEU A 15 6.70 -4.98 1.15
C LEU A 15 6.75 -3.61 0.49
N THR A 16 5.87 -2.69 0.91
CA THR A 16 5.85 -1.35 0.37
C THR A 16 7.25 -0.76 0.36
N THR A 17 7.99 -0.97 1.45
CA THR A 17 9.35 -0.50 1.57
C THR A 17 10.30 -1.30 0.66
N GLN A 18 10.19 -2.64 0.71
CA GLN A 18 11.04 -3.51 -0.09
C GLN A 18 10.71 -3.46 -1.58
N SER A 19 9.50 -3.90 -1.94
CA SER A 19 9.05 -3.92 -3.34
C SER A 19 9.34 -2.61 -4.07
N SER A 20 9.28 -1.48 -3.35
CA SER A 20 9.53 -0.17 -3.96
C SER A 20 10.99 -0.01 -4.39
N GLY A 21 11.93 -0.53 -3.60
CA GLY A 21 13.33 -0.39 -3.96
C GLY A 21 14.29 -1.19 -3.08
N SER A 22 14.13 -2.52 -3.07
CA SER A 22 15.00 -3.38 -2.28
C SER A 22 15.68 -4.43 -3.16
N ARG A 23 16.20 -3.99 -4.30
CA ARG A 23 16.86 -4.89 -5.24
C ARG A 23 18.35 -4.57 -5.35
N ALA A 24 18.67 -3.32 -5.70
CA ALA A 24 20.06 -2.88 -5.84
C ALA A 24 20.13 -1.40 -6.23
N SER A 25 19.35 -1.03 -7.23
CA SER A 25 19.31 0.35 -7.73
C SER A 25 17.99 0.66 -8.44
N LEU A 26 17.47 -0.30 -9.22
CA LEU A 26 16.22 -0.14 -9.95
C LEU A 26 16.38 0.85 -11.10
N PRO A 27 17.20 0.49 -12.11
CA PRO A 27 17.42 1.35 -13.28
C PRO A 27 16.22 1.37 -14.22
N LYS A 28 15.73 0.17 -14.59
CA LYS A 28 14.59 0.06 -15.50
C LYS A 28 13.87 -1.29 -15.33
N VAL A 29 14.64 -2.39 -15.41
CA VAL A 29 14.06 -3.74 -15.28
C VAL A 29 13.32 -3.92 -13.95
N SER A 30 14.02 -3.69 -12.84
CA SER A 30 13.42 -3.81 -11.52
C SER A 30 12.57 -2.58 -11.17
N TYR A 31 13.01 -1.42 -11.67
CA TYR A 31 12.33 -0.15 -11.43
C TYR A 31 10.84 -0.23 -11.83
N VAL A 32 10.58 -0.72 -13.05
CA VAL A 32 9.21 -0.83 -13.54
C VAL A 32 8.38 -1.77 -12.66
N LYS A 33 8.98 -2.90 -12.25
CA LYS A 33 8.30 -3.86 -11.39
C LYS A 33 7.98 -3.22 -10.04
N ALA A 34 8.98 -2.52 -9.48
CA ALA A 34 8.82 -1.83 -8.20
C ALA A 34 7.69 -0.81 -8.28
N ILE A 35 7.68 -0.03 -9.35
CA ILE A 35 6.63 0.96 -9.54
C ILE A 35 5.45 0.32 -10.24
N ASP A 36 4.83 -0.56 -9.48
CA ASP A 36 3.67 -1.35 -9.88
C ASP A 36 3.35 -2.42 -8.83
N ILE A 37 4.40 -2.98 -8.23
CA ILE A 37 4.27 -4.02 -7.21
C ILE A 37 3.74 -3.44 -5.92
N TRP A 38 4.41 -2.42 -5.40
CA TRP A 38 3.97 -1.77 -4.18
C TRP A 38 2.90 -0.74 -4.51
N LEU A 39 3.00 -0.11 -5.68
CA LEU A 39 1.97 0.85 -6.07
C LEU A 39 0.63 0.12 -6.03
N ALA A 40 0.67 -1.18 -6.35
CA ALA A 40 -0.52 -2.01 -6.28
C ALA A 40 -1.11 -2.00 -4.86
N VAL A 41 -0.22 -1.77 -3.89
CA VAL A 41 -0.59 -1.69 -2.47
C VAL A 41 -0.84 -0.23 -2.10
N CYS A 42 0.10 0.63 -2.48
CA CYS A 42 -0.02 2.06 -2.19
C CYS A 42 -1.26 2.67 -2.87
N LEU A 43 -1.50 2.29 -4.11
CA LEU A 43 -2.64 2.78 -4.88
C LEU A 43 -3.97 2.31 -4.28
N LEU A 44 -4.11 1.00 -4.12
CA LEU A 44 -5.33 0.40 -3.58
C LEU A 44 -5.57 0.83 -2.13
N PHE A 45 -4.54 0.80 -1.30
CA PHE A 45 -4.66 1.17 0.11
C PHE A 45 -5.01 2.64 0.30
N VAL A 46 -4.28 3.54 -0.38
CA VAL A 46 -4.53 4.97 -0.27
C VAL A 46 -5.92 5.34 -0.81
N PHE A 47 -6.23 4.86 -2.02
CA PHE A 47 -7.52 5.15 -2.64
C PHE A 47 -8.68 4.65 -1.78
N SER A 48 -8.59 3.40 -1.33
CA SER A 48 -9.64 2.82 -0.48
C SER A 48 -9.80 3.61 0.81
N ALA A 49 -8.68 4.09 1.36
CA ALA A 49 -8.68 4.87 2.59
C ALA A 49 -9.36 6.22 2.39
N LEU A 50 -9.02 6.90 1.29
CA LEU A 50 -9.64 8.18 0.99
C LEU A 50 -11.14 7.99 0.80
N LEU A 51 -11.49 6.95 0.05
CA LEU A 51 -12.87 6.59 -0.17
C LEU A 51 -13.51 6.12 1.14
N GLU A 52 -12.66 5.72 2.10
CA GLU A 52 -13.13 5.26 3.40
C GLU A 52 -13.71 6.44 4.17
N TYR A 53 -12.99 7.55 4.18
CA TYR A 53 -13.44 8.75 4.86
C TYR A 53 -14.55 9.40 4.07
N ALA A 54 -14.40 9.43 2.78
CA ALA A 54 -15.42 10.02 1.94
C ALA A 54 -16.74 9.32 2.21
N ALA A 55 -16.65 8.05 2.61
CA ALA A 55 -17.84 7.28 2.97
C ALA A 55 -18.25 7.65 4.38
N VAL A 56 -17.24 8.03 5.16
CA VAL A 56 -17.46 8.51 6.51
C VAL A 56 -18.59 9.53 6.42
N ASN A 57 -18.55 10.31 5.32
CA ASN A 57 -19.56 11.30 5.01
C ASN A 57 -20.80 10.62 4.42
N PHE A 58 -20.58 9.58 3.58
CA PHE A 58 -21.70 8.85 2.98
C PHE A 58 -22.54 8.17 4.06
N VAL A 59 -21.89 7.27 4.79
CA VAL A 59 -22.53 6.53 5.87
C VAL A 59 -23.16 7.46 6.91
N SER A 60 -22.42 8.49 7.33
CA SER A 60 -22.94 9.45 8.32
C SER A 60 -24.19 10.15 7.79
N ARG A 61 -25.21 10.24 8.65
CA ARG A 61 -26.47 10.88 8.28
C ARG A 61 -26.31 12.41 8.16
N LEU A 1 -11.02 -12.07 13.24
CA LEU A 1 -9.65 -11.85 12.67
C LEU A 1 -9.23 -10.38 12.73
N PRO A 2 -9.34 -9.74 13.91
CA PRO A 2 -8.95 -8.32 14.07
C PRO A 2 -7.45 -8.10 13.84
N ALA A 3 -6.63 -8.92 14.51
CA ALA A 3 -5.18 -8.81 14.37
C ALA A 3 -4.73 -9.07 12.94
N ARG A 4 -5.39 -10.03 12.27
CA ARG A 4 -5.06 -10.35 10.89
C ARG A 4 -5.05 -9.08 10.02
N VAL A 5 -5.88 -8.10 10.41
CA VAL A 5 -5.95 -6.83 9.71
C VAL A 5 -4.60 -6.14 9.72
N GLY A 6 -4.26 -5.63 10.90
CA GLY A 6 -2.98 -4.95 11.10
C GLY A 6 -1.81 -5.80 10.67
N LEU A 7 -1.92 -7.11 10.87
CA LEU A 7 -0.87 -8.06 10.51
C LEU A 7 -0.70 -8.11 8.99
N GLY A 8 -1.82 -8.24 8.27
CA GLY A 8 -1.78 -8.29 6.82
C GLY A 8 -1.20 -7.01 6.22
N ILE A 9 -1.66 -5.87 6.72
CA ILE A 9 -1.19 -4.59 6.27
C ILE A 9 0.30 -4.41 6.55
N THR A 10 0.73 -4.78 7.75
CA THR A 10 2.12 -4.69 8.13
C THR A 10 2.99 -5.59 7.25
N THR A 11 2.41 -6.69 6.77
CA THR A 11 3.12 -7.57 5.87
C THR A 11 3.31 -6.78 4.58
N VAL A 12 2.27 -6.01 4.25
CA VAL A 12 2.25 -5.18 3.05
C VAL A 12 3.19 -3.97 3.14
N LEU A 13 3.19 -3.23 4.26
CA LEU A 13 4.03 -2.07 4.38
C LEU A 13 5.51 -2.47 4.41
N THR A 14 5.79 -3.69 4.89
CA THR A 14 7.13 -4.20 4.93
C THR A 14 7.59 -4.48 3.51
N LEU A 15 6.74 -5.21 2.78
CA LEU A 15 7.02 -5.53 1.40
C LEU A 15 6.91 -4.27 0.54
N THR A 16 6.20 -3.26 1.03
CA THR A 16 6.07 -2.00 0.32
C THR A 16 7.43 -1.32 0.26
N THR A 17 8.11 -1.29 1.42
CA THR A 17 9.43 -0.71 1.52
C THR A 17 10.41 -1.49 0.63
N GLN A 18 10.25 -2.82 0.61
CA GLN A 18 11.12 -3.69 -0.19
C GLN A 18 10.80 -3.57 -1.69
N SER A 19 9.52 -3.75 -2.04
CA SER A 19 9.07 -3.67 -3.43
C SER A 19 9.49 -2.36 -4.10
N SER A 20 9.48 -1.26 -3.33
CA SER A 20 9.87 0.05 -3.87
C SER A 20 11.36 0.12 -4.25
N GLY A 21 12.21 -0.55 -3.47
CA GLY A 21 13.65 -0.52 -3.77
C GLY A 21 14.49 -1.39 -2.84
N SER A 22 14.19 -2.70 -2.83
CA SER A 22 14.93 -3.64 -1.97
C SER A 22 16.21 -4.13 -2.67
N ARG A 23 16.13 -4.33 -3.99
CA ARG A 23 17.28 -4.80 -4.77
C ARG A 23 18.52 -3.95 -4.53
N ALA A 24 18.37 -2.63 -4.63
CA ALA A 24 19.47 -1.69 -4.42
C ALA A 24 19.02 -0.25 -4.62
N SER A 25 18.30 -0.01 -5.71
CA SER A 25 17.80 1.32 -6.04
C SER A 25 16.72 1.24 -7.13
N LEU A 26 16.79 2.13 -8.13
CA LEU A 26 15.81 2.14 -9.21
C LEU A 26 16.49 2.46 -10.55
N PRO A 27 17.45 1.63 -10.98
CA PRO A 27 18.18 1.83 -12.24
C PRO A 27 17.27 1.74 -13.46
N LYS A 28 16.46 0.68 -13.54
CA LYS A 28 15.53 0.49 -14.65
C LYS A 28 14.62 -0.71 -14.39
N VAL A 29 15.22 -1.89 -14.21
CA VAL A 29 14.46 -3.11 -13.94
C VAL A 29 13.70 -3.00 -12.62
N SER A 30 14.39 -2.54 -11.58
CA SER A 30 13.79 -2.37 -10.26
C SER A 30 12.84 -1.16 -10.26
N TYR A 31 13.23 -0.11 -10.98
CA TYR A 31 12.42 1.11 -11.06
C TYR A 31 11.02 0.84 -11.63
N VAL A 32 10.96 0.19 -12.79
CA VAL A 32 9.68 -0.11 -13.43
C VAL A 32 8.83 -1.06 -12.59
N LYS A 33 9.45 -2.11 -12.05
CA LYS A 33 8.73 -3.09 -11.23
C LYS A 33 8.29 -2.46 -9.91
N ALA A 34 9.19 -1.74 -9.25
CA ALA A 34 8.90 -1.08 -7.98
C ALA A 34 7.76 -0.09 -8.12
N ILE A 35 7.83 0.76 -9.14
CA ILE A 35 6.79 1.74 -9.38
C ILE A 35 5.65 1.15 -10.18
N ASP A 36 5.02 0.19 -9.52
CA ASP A 36 3.89 -0.58 -10.04
C ASP A 36 3.48 -1.67 -9.04
N ILE A 37 4.48 -2.26 -8.36
CA ILE A 37 4.26 -3.33 -7.39
C ILE A 37 3.71 -2.77 -6.09
N TRP A 38 4.43 -1.84 -5.47
CA TRP A 38 3.97 -1.25 -4.23
C TRP A 38 2.96 -0.16 -4.54
N LEU A 39 3.14 0.54 -5.66
CA LEU A 39 2.17 1.55 -6.03
C LEU A 39 0.80 0.89 -6.07
N ALA A 40 0.78 -0.42 -6.32
CA ALA A 40 -0.45 -1.18 -6.32
C ALA A 40 -1.04 -1.21 -4.90
N VAL A 41 -0.16 -1.27 -3.91
CA VAL A 41 -0.53 -1.25 -2.50
C VAL A 41 -0.82 0.19 -2.11
N CYS A 42 0.10 1.08 -2.48
CA CYS A 42 -0.05 2.50 -2.18
C CYS A 42 -1.31 3.06 -2.86
N LEU A 43 -1.61 2.58 -4.07
CA LEU A 43 -2.78 3.03 -4.82
C LEU A 43 -4.07 2.48 -4.20
N LEU A 44 -4.10 1.18 -3.89
CA LEU A 44 -5.28 0.56 -3.29
C LEU A 44 -5.54 1.10 -1.90
N PHE A 45 -4.49 1.15 -1.09
CA PHE A 45 -4.59 1.61 0.30
C PHE A 45 -5.01 3.08 0.39
N VAL A 46 -4.31 3.95 -0.36
CA VAL A 46 -4.63 5.39 -0.34
C VAL A 46 -6.04 5.66 -0.87
N PHE A 47 -6.34 5.10 -2.04
CA PHE A 47 -7.67 5.28 -2.66
C PHE A 47 -8.78 4.76 -1.73
N SER A 48 -8.59 3.55 -1.19
CA SER A 48 -9.56 2.94 -0.29
C SER A 48 -9.76 3.81 0.96
N ALA A 49 -8.66 4.41 1.45
CA ALA A 49 -8.71 5.27 2.63
C ALA A 49 -9.51 6.54 2.36
N LEU A 50 -9.26 7.17 1.21
CA LEU A 50 -10.00 8.38 0.84
C LEU A 50 -11.47 8.02 0.68
N LEU A 51 -11.71 6.89 0.04
CA LEU A 51 -13.05 6.36 -0.14
C LEU A 51 -13.64 6.00 1.22
N GLU A 52 -12.76 5.74 2.19
CA GLU A 52 -13.18 5.39 3.54
C GLU A 52 -13.83 6.59 4.20
N TYR A 53 -13.18 7.75 4.10
CA TYR A 53 -13.72 8.98 4.66
C TYR A 53 -14.90 9.47 3.84
N ALA A 54 -14.77 9.37 2.55
CA ALA A 54 -15.85 9.81 1.68
C ALA A 54 -17.12 9.03 2.06
N ALA A 55 -16.92 7.82 2.60
CA ALA A 55 -18.05 7.01 3.07
C ALA A 55 -18.43 7.48 4.44
N VAL A 56 -17.45 8.02 5.15
CA VAL A 56 -17.65 8.62 6.44
C VAL A 56 -18.86 9.54 6.30
N ASN A 57 -18.91 10.20 5.12
CA ASN A 57 -20.01 11.08 4.75
C ASN A 57 -21.20 10.25 4.26
N PHE A 58 -20.92 9.15 3.53
CA PHE A 58 -22.00 8.28 3.03
C PHE A 58 -22.76 7.66 4.20
N VAL A 59 -22.03 6.88 5.00
CA VAL A 59 -22.60 6.21 6.17
C VAL A 59 -23.25 7.21 7.13
N SER A 60 -22.55 8.31 7.43
CA SER A 60 -23.08 9.32 8.34
C SER A 60 -22.91 10.73 7.76
N ARG A 61 -24.01 11.50 7.77
CA ARG A 61 -24.00 12.87 7.26
C ARG A 61 -23.03 13.76 8.04
N LEU A 1 -8.31 -13.55 14.19
CA LEU A 1 -8.82 -12.88 12.97
C LEU A 1 -8.56 -11.36 13.00
N PRO A 2 -8.89 -10.67 14.12
CA PRO A 2 -8.67 -9.23 14.24
C PRO A 2 -7.21 -8.84 14.00
N ALA A 3 -6.30 -9.56 14.65
CA ALA A 3 -4.87 -9.32 14.50
C ALA A 3 -4.42 -9.53 13.07
N ARG A 4 -4.99 -10.55 12.40
CA ARG A 4 -4.64 -10.83 11.01
C ARG A 4 -4.75 -9.56 10.16
N VAL A 5 -5.63 -8.65 10.56
CA VAL A 5 -5.81 -7.38 9.86
C VAL A 5 -4.50 -6.62 9.84
N GLY A 6 -4.14 -6.10 11.01
CA GLY A 6 -2.90 -5.36 11.16
C GLY A 6 -1.70 -6.17 10.69
N LEU A 7 -1.75 -7.48 10.92
CA LEU A 7 -0.69 -8.39 10.50
C LEU A 7 -0.53 -8.39 8.98
N GLY A 8 -1.66 -8.52 8.27
CA GLY A 8 -1.64 -8.52 6.83
C GLY A 8 -1.10 -7.22 6.26
N ILE A 9 -1.59 -6.10 6.81
CA ILE A 9 -1.16 -4.79 6.38
C ILE A 9 0.32 -4.59 6.64
N THR A 10 0.79 -4.99 7.83
CA THR A 10 2.19 -4.88 8.20
C THR A 10 3.05 -5.73 7.27
N THR A 11 2.48 -6.79 6.72
CA THR A 11 3.20 -7.59 5.78
C THR A 11 3.34 -6.75 4.52
N VAL A 12 2.26 -6.04 4.21
CA VAL A 12 2.19 -5.17 3.04
C VAL A 12 3.10 -3.94 3.15
N LEU A 13 3.14 -3.28 4.32
CA LEU A 13 3.95 -2.10 4.48
C LEU A 13 5.43 -2.47 4.45
N THR A 14 5.74 -3.70 4.89
CA THR A 14 7.12 -4.18 4.84
C THR A 14 7.50 -4.25 3.38
N LEU A 15 6.64 -4.92 2.59
CA LEU A 15 6.85 -5.03 1.16
C LEU A 15 6.86 -3.65 0.53
N THR A 16 6.02 -2.74 1.03
CA THR A 16 5.98 -1.38 0.50
C THR A 16 7.39 -0.79 0.48
N THR A 17 8.15 -1.06 1.55
CA THR A 17 9.52 -0.59 1.66
C THR A 17 10.45 -1.35 0.72
N GLN A 18 10.39 -2.69 0.76
CA GLN A 18 11.22 -3.54 -0.08
C GLN A 18 10.88 -3.40 -1.57
N SER A 19 9.63 -3.72 -1.93
CA SER A 19 9.15 -3.65 -3.32
C SER A 19 9.55 -2.33 -3.98
N SER A 20 9.44 -1.21 -3.24
CA SER A 20 9.80 0.10 -3.78
C SER A 20 11.29 0.20 -4.03
N GLY A 21 12.10 -0.24 -3.06
CA GLY A 21 13.54 -0.20 -3.20
C GLY A 21 14.28 -0.60 -1.93
N SER A 22 14.20 0.25 -0.90
CA SER A 22 14.86 0.01 0.38
C SER A 22 16.31 -0.42 0.16
N ARG A 23 17.00 0.29 -0.72
CA ARG A 23 18.38 -0.03 -1.04
C ARG A 23 19.07 1.13 -1.80
N ALA A 24 19.49 0.90 -3.04
CA ALA A 24 20.16 1.94 -3.84
C ALA A 24 20.14 1.62 -5.32
N SER A 25 20.43 0.36 -5.66
CA SER A 25 20.44 -0.09 -7.05
C SER A 25 19.09 0.20 -7.73
N LEU A 26 19.16 0.68 -8.98
CA LEU A 26 17.94 1.00 -9.73
C LEU A 26 18.23 1.00 -11.24
N PRO A 27 18.64 -0.15 -11.80
CA PRO A 27 18.96 -0.28 -13.22
C PRO A 27 17.72 -0.45 -14.12
N LYS A 28 16.67 0.33 -13.85
CA LYS A 28 15.42 0.29 -14.62
C LYS A 28 14.57 -0.94 -14.29
N VAL A 29 15.20 -2.12 -14.32
CA VAL A 29 14.51 -3.37 -14.03
C VAL A 29 13.74 -3.32 -12.71
N SER A 30 14.38 -2.82 -11.66
CA SER A 30 13.75 -2.69 -10.35
C SER A 30 12.82 -1.47 -10.31
N TYR A 31 13.23 -0.40 -10.98
CA TYR A 31 12.46 0.84 -11.02
C TYR A 31 11.04 0.61 -11.54
N VAL A 32 10.92 -0.05 -12.70
CA VAL A 32 9.64 -0.33 -13.31
C VAL A 32 8.78 -1.26 -12.44
N LYS A 33 9.40 -2.33 -11.92
CA LYS A 33 8.69 -3.28 -11.07
C LYS A 33 8.26 -2.63 -9.76
N ALA A 34 9.17 -1.88 -9.14
CA ALA A 34 8.90 -1.19 -7.88
C ALA A 34 7.75 -0.21 -8.03
N ILE A 35 7.81 0.61 -9.08
CA ILE A 35 6.75 1.59 -9.33
C ILE A 35 5.61 0.97 -10.10
N ASP A 36 5.00 0.01 -9.42
CA ASP A 36 3.87 -0.77 -9.91
C ASP A 36 3.47 -1.86 -8.89
N ILE A 37 4.48 -2.42 -8.21
CA ILE A 37 4.27 -3.46 -7.22
C ILE A 37 3.71 -2.89 -5.93
N TRP A 38 4.42 -1.94 -5.32
CA TRP A 38 3.95 -1.33 -4.10
C TRP A 38 2.93 -0.27 -4.44
N LEU A 39 3.09 0.39 -5.59
CA LEU A 39 2.11 1.37 -5.99
C LEU A 39 0.75 0.70 -6.00
N ALA A 40 0.76 -0.64 -6.19
CA ALA A 40 -0.46 -1.43 -6.15
C ALA A 40 -1.04 -1.42 -4.73
N VAL A 41 -0.15 -1.44 -3.74
CA VAL A 41 -0.53 -1.37 -2.32
C VAL A 41 -0.86 0.08 -1.99
N CYS A 42 0.04 0.98 -2.40
CA CYS A 42 -0.16 2.41 -2.17
C CYS A 42 -1.43 2.92 -2.88
N LEU A 43 -1.69 2.40 -4.08
CA LEU A 43 -2.86 2.80 -4.86
C LEU A 43 -4.16 2.27 -4.23
N LEU A 44 -4.15 1.00 -3.83
CA LEU A 44 -5.33 0.37 -3.21
C LEU A 44 -5.60 0.93 -1.82
N PHE A 45 -4.55 1.00 -1.02
CA PHE A 45 -4.65 1.48 0.37
C PHE A 45 -5.07 2.95 0.43
N VAL A 46 -4.42 3.81 -0.36
CA VAL A 46 -4.75 5.24 -0.38
C VAL A 46 -6.15 5.46 -0.94
N PHE A 47 -6.44 4.84 -2.08
CA PHE A 47 -7.74 4.96 -2.73
C PHE A 47 -8.87 4.54 -1.78
N SER A 48 -8.72 3.36 -1.16
CA SER A 48 -9.73 2.86 -0.22
C SER A 48 -9.88 3.80 0.99
N ALA A 49 -8.77 4.38 1.43
CA ALA A 49 -8.77 5.30 2.57
C ALA A 49 -9.55 6.57 2.22
N LEU A 50 -9.32 7.12 1.03
CA LEU A 50 -10.04 8.31 0.60
C LEU A 50 -11.51 7.98 0.52
N LEU A 51 -11.81 6.80 -0.03
CA LEU A 51 -13.16 6.30 -0.14
C LEU A 51 -13.73 6.06 1.27
N GLU A 52 -12.82 5.86 2.23
CA GLU A 52 -13.20 5.63 3.61
C GLU A 52 -13.81 6.89 4.20
N TYR A 53 -13.14 8.03 3.98
CA TYR A 53 -13.63 9.30 4.46
C TYR A 53 -14.81 9.76 3.64
N ALA A 54 -14.73 9.54 2.35
CA ALA A 54 -15.80 9.94 1.47
C ALA A 54 -17.09 9.25 1.94
N ALA A 55 -16.93 8.09 2.59
CA ALA A 55 -18.07 7.37 3.16
C ALA A 55 -18.38 7.99 4.50
N VAL A 56 -17.34 8.49 5.15
CA VAL A 56 -17.48 9.21 6.39
C VAL A 56 -18.66 10.16 6.22
N ASN A 57 -18.72 10.77 5.02
CA ASN A 57 -19.80 11.67 4.63
C ASN A 57 -21.01 10.88 4.15
N PHE A 58 -20.78 9.73 3.48
CA PHE A 58 -21.89 8.90 3.00
C PHE A 58 -22.68 8.33 4.17
N VAL A 59 -21.99 7.62 5.07
CA VAL A 59 -22.62 7.02 6.23
C VAL A 59 -23.19 8.09 7.17
N SER A 60 -22.40 9.13 7.45
CA SER A 60 -22.84 10.21 8.34
C SER A 60 -24.02 10.96 7.73
N ARG A 61 -25.04 11.22 8.56
CA ARG A 61 -26.23 11.93 8.11
C ARG A 61 -25.89 13.37 7.68
N LEU A 1 -11.08 -11.53 13.50
CA LEU A 1 -9.64 -11.59 13.10
C LEU A 1 -9.00 -10.20 13.07
N PRO A 2 -9.04 -9.47 14.20
CA PRO A 2 -8.46 -8.12 14.29
C PRO A 2 -6.95 -8.14 14.04
N ALA A 3 -6.24 -9.03 14.75
CA ALA A 3 -4.80 -9.18 14.61
C ALA A 3 -4.42 -9.51 13.16
N ARG A 4 -5.24 -10.34 12.52
CA ARG A 4 -5.02 -10.74 11.13
C ARG A 4 -4.91 -9.51 10.23
N VAL A 5 -5.74 -8.51 10.48
CA VAL A 5 -5.73 -7.28 9.68
C VAL A 5 -4.39 -6.58 9.82
N GLY A 6 -4.04 -6.27 11.06
CA GLY A 6 -2.79 -5.60 11.35
C GLY A 6 -1.58 -6.36 10.85
N LEU A 7 -1.62 -7.69 10.94
CA LEU A 7 -0.52 -8.52 10.47
C LEU A 7 -0.45 -8.50 8.95
N GLY A 8 -1.61 -8.52 8.30
CA GLY A 8 -1.65 -8.50 6.84
C GLY A 8 -1.10 -7.19 6.29
N ILE A 9 -1.53 -6.08 6.86
CA ILE A 9 -1.08 -4.77 6.46
C ILE A 9 0.42 -4.60 6.71
N THR A 10 0.88 -5.04 7.89
CA THR A 10 2.28 -4.95 8.24
C THR A 10 3.12 -5.80 7.28
N THR A 11 2.53 -6.84 6.73
CA THR A 11 3.21 -7.65 5.75
C THR A 11 3.35 -6.78 4.50
N VAL A 12 2.27 -6.05 4.23
CA VAL A 12 2.21 -5.14 3.09
C VAL A 12 3.15 -3.95 3.20
N LEU A 13 3.22 -3.30 4.38
CA LEU A 13 4.06 -2.14 4.54
C LEU A 13 5.54 -2.54 4.49
N THR A 14 5.83 -3.79 4.90
CA THR A 14 7.19 -4.29 4.83
C THR A 14 7.57 -4.35 3.36
N LEU A 15 6.68 -4.97 2.57
CA LEU A 15 6.87 -5.05 1.13
C LEU A 15 6.87 -3.66 0.51
N THR A 16 6.06 -2.75 1.05
CA THR A 16 6.00 -1.39 0.54
C THR A 16 7.40 -0.79 0.50
N THR A 17 8.18 -1.04 1.57
CA THR A 17 9.54 -0.56 1.65
C THR A 17 10.48 -1.34 0.73
N GLN A 18 10.33 -2.68 0.71
CA GLN A 18 11.17 -3.54 -0.11
C GLN A 18 10.84 -3.44 -1.61
N SER A 19 9.59 -3.77 -1.97
CA SER A 19 9.13 -3.72 -3.37
C SER A 19 9.50 -2.39 -4.03
N SER A 20 9.35 -1.28 -3.30
CA SER A 20 9.69 0.05 -3.84
C SER A 20 11.18 0.18 -4.13
N GLY A 21 12.00 -0.47 -3.31
CA GLY A 21 13.45 -0.40 -3.49
C GLY A 21 14.02 0.92 -2.97
N SER A 22 13.60 1.30 -1.77
CA SER A 22 14.07 2.53 -1.15
C SER A 22 15.44 2.34 -0.49
N ARG A 23 15.71 1.10 -0.09
CA ARG A 23 16.97 0.75 0.56
C ARG A 23 18.18 1.23 -0.26
N ALA A 24 18.24 0.81 -1.53
CA ALA A 24 19.34 1.20 -2.42
C ALA A 24 19.25 0.50 -3.77
N SER A 25 18.98 -0.81 -3.75
CA SER A 25 18.90 -1.61 -4.98
C SER A 25 17.85 -1.04 -5.95
N LEU A 26 18.34 -0.54 -7.09
CA LEU A 26 17.47 0.03 -8.12
C LEU A 26 18.22 0.10 -9.47
N PRO A 27 18.69 -1.06 -9.99
CA PRO A 27 19.43 -1.12 -11.26
C PRO A 27 18.62 -0.55 -12.43
N LYS A 28 17.40 -1.05 -12.60
CA LYS A 28 16.51 -0.59 -13.66
C LYS A 28 15.16 -1.29 -13.57
N VAL A 29 15.17 -2.63 -13.74
CA VAL A 29 13.95 -3.42 -13.66
C VAL A 29 13.32 -3.34 -12.26
N SER A 30 14.16 -3.43 -11.24
CA SER A 30 13.72 -3.36 -9.85
C SER A 30 13.01 -2.03 -9.56
N TYR A 31 13.45 -0.96 -10.22
CA TYR A 31 12.84 0.36 -10.03
C TYR A 31 11.54 0.47 -10.81
N VAL A 32 11.57 -0.04 -12.05
CA VAL A 32 10.40 -0.02 -12.92
C VAL A 32 9.24 -0.78 -12.28
N LYS A 33 9.52 -2.00 -11.81
CA LYS A 33 8.52 -2.84 -11.16
C LYS A 33 8.15 -2.25 -9.80
N ALA A 34 9.15 -1.70 -9.10
CA ALA A 34 8.92 -1.07 -7.79
C ALA A 34 7.78 -0.08 -7.90
N ILE A 35 7.83 0.75 -8.94
CA ILE A 35 6.79 1.72 -9.19
C ILE A 35 5.68 1.06 -10.00
N ASP A 36 5.09 0.09 -9.33
CA ASP A 36 4.02 -0.75 -9.88
C ASP A 36 3.58 -1.81 -8.87
N ILE A 37 4.56 -2.35 -8.13
CA ILE A 37 4.34 -3.38 -7.13
C ILE A 37 3.74 -2.80 -5.85
N TRP A 38 4.45 -1.89 -5.21
CA TRP A 38 3.97 -1.28 -4.00
C TRP A 38 2.93 -0.23 -4.35
N LEU A 39 3.09 0.43 -5.49
CA LEU A 39 2.09 1.41 -5.91
C LEU A 39 0.74 0.71 -5.92
N ALA A 40 0.76 -0.62 -6.12
CA ALA A 40 -0.45 -1.43 -6.10
C ALA A 40 -1.05 -1.41 -4.68
N VAL A 41 -0.16 -1.42 -3.68
CA VAL A 41 -0.56 -1.35 -2.27
C VAL A 41 -0.89 0.09 -1.93
N CYS A 42 0.01 1.00 -2.33
CA CYS A 42 -0.20 2.43 -2.09
C CYS A 42 -1.45 2.93 -2.81
N LEU A 43 -1.71 2.42 -4.02
CA LEU A 43 -2.88 2.82 -4.81
C LEU A 43 -4.16 2.28 -4.19
N LEU A 44 -4.16 1.01 -3.78
CA LEU A 44 -5.34 0.38 -3.19
C LEU A 44 -5.63 0.94 -1.79
N PHE A 45 -4.59 1.01 -0.97
CA PHE A 45 -4.71 1.51 0.40
C PHE A 45 -5.15 2.97 0.44
N VAL A 46 -4.49 3.83 -0.34
CA VAL A 46 -4.84 5.25 -0.38
C VAL A 46 -6.24 5.45 -0.95
N PHE A 47 -6.52 4.80 -2.08
CA PHE A 47 -7.82 4.91 -2.73
C PHE A 47 -8.95 4.51 -1.77
N SER A 48 -8.79 3.35 -1.12
CA SER A 48 -9.79 2.87 -0.16
C SER A 48 -9.95 3.83 1.01
N ALA A 49 -8.82 4.41 1.46
CA ALA A 49 -8.82 5.36 2.57
C ALA A 49 -9.60 6.63 2.21
N LEU A 50 -9.36 7.16 1.01
CA LEU A 50 -10.07 8.34 0.56
C LEU A 50 -11.55 8.04 0.46
N LEU A 51 -11.86 6.88 -0.11
CA LEU A 51 -13.24 6.42 -0.21
C LEU A 51 -13.79 6.15 1.18
N GLU A 52 -12.89 5.94 2.15
CA GLU A 52 -13.27 5.68 3.53
C GLU A 52 -13.87 6.94 4.13
N TYR A 53 -13.18 8.07 3.94
CA TYR A 53 -13.67 9.34 4.45
C TYR A 53 -14.84 9.82 3.62
N ALA A 54 -14.75 9.64 2.34
CA ALA A 54 -15.83 10.06 1.48
C ALA A 54 -17.12 9.36 1.92
N ALA A 55 -16.95 8.17 2.53
CA ALA A 55 -18.09 7.43 3.07
C ALA A 55 -18.44 8.00 4.42
N VAL A 56 -17.41 8.55 5.07
CA VAL A 56 -17.58 9.23 6.33
C VAL A 56 -18.77 10.19 6.14
N ASN A 57 -18.81 10.78 4.93
CA ASN A 57 -19.88 11.66 4.52
C ASN A 57 -21.11 10.84 4.12
N PHE A 58 -20.89 9.70 3.45
CA PHE A 58 -22.00 8.83 3.03
C PHE A 58 -22.75 8.31 4.25
N VAL A 59 -22.05 7.53 5.06
CA VAL A 59 -22.61 6.95 6.27
C VAL A 59 -23.19 8.01 7.21
N SER A 60 -22.43 9.08 7.44
CA SER A 60 -22.89 10.18 8.31
C SER A 60 -24.10 10.88 7.71
N ARG A 61 -25.13 11.09 8.53
CA ARG A 61 -26.35 11.76 8.08
C ARG A 61 -26.14 13.27 8.00
N LEU A 1 -9.17 -12.66 13.78
CA LEU A 1 -9.63 -11.84 12.61
C LEU A 1 -9.15 -10.40 12.70
N PRO A 2 -9.34 -9.72 13.86
CA PRO A 2 -8.90 -8.32 14.05
C PRO A 2 -7.41 -8.16 13.77
N ALA A 3 -6.61 -9.02 14.41
CA ALA A 3 -5.15 -8.98 14.24
C ALA A 3 -4.78 -9.26 12.79
N ARG A 4 -5.50 -10.18 12.14
CA ARG A 4 -5.25 -10.52 10.74
C ARG A 4 -5.17 -9.25 9.89
N VAL A 5 -5.93 -8.23 10.29
CA VAL A 5 -5.94 -6.95 9.61
C VAL A 5 -4.60 -6.26 9.70
N GLY A 6 -4.33 -5.74 10.89
CA GLY A 6 -3.09 -5.03 11.16
C GLY A 6 -1.85 -5.81 10.76
N LEU A 7 -1.90 -7.13 10.92
CA LEU A 7 -0.79 -7.99 10.57
C LEU A 7 -0.64 -8.10 9.05
N GLY A 8 -1.77 -8.21 8.35
CA GLY A 8 -1.76 -8.29 6.90
C GLY A 8 -1.21 -7.03 6.27
N ILE A 9 -1.69 -5.88 6.74
CA ILE A 9 -1.26 -4.59 6.25
C ILE A 9 0.22 -4.36 6.54
N THR A 10 0.66 -4.69 7.76
CA THR A 10 2.04 -4.55 8.16
C THR A 10 2.94 -5.45 7.30
N THR A 11 2.39 -6.57 6.85
CA THR A 11 3.12 -7.45 5.98
C THR A 11 3.32 -6.70 4.67
N VAL A 12 2.26 -5.97 4.31
CA VAL A 12 2.24 -5.17 3.09
C VAL A 12 3.15 -3.94 3.16
N LEU A 13 3.11 -3.17 4.25
CA LEU A 13 3.92 -1.98 4.34
C LEU A 13 5.41 -2.33 4.39
N THR A 14 5.72 -3.52 4.92
CA THR A 14 7.09 -4.00 4.99
C THR A 14 7.56 -4.32 3.58
N LEU A 15 6.74 -5.10 2.86
CA LEU A 15 7.04 -5.46 1.49
C LEU A 15 6.92 -4.23 0.60
N THR A 16 6.16 -3.22 1.04
CA THR A 16 6.00 -1.99 0.28
C THR A 16 7.34 -1.26 0.22
N THR A 17 8.00 -1.19 1.38
CA THR A 17 9.31 -0.56 1.47
C THR A 17 10.30 -1.33 0.61
N GLN A 18 10.22 -2.67 0.64
CA GLN A 18 11.10 -3.53 -0.14
C GLN A 18 10.79 -3.43 -1.64
N SER A 19 9.52 -3.61 -2.00
CA SER A 19 9.07 -3.56 -3.38
C SER A 19 9.43 -2.22 -4.04
N SER A 20 9.28 -1.12 -3.30
CA SER A 20 9.60 0.21 -3.83
C SER A 20 11.10 0.36 -4.08
N GLY A 21 11.91 0.05 -3.07
CA GLY A 21 13.35 0.16 -3.22
C GLY A 21 14.07 0.42 -1.91
N SER A 22 14.03 -0.55 -0.99
CA SER A 22 14.71 -0.42 0.30
C SER A 22 16.08 -1.09 0.25
N ARG A 23 16.80 -0.89 -0.85
CA ARG A 23 18.11 -1.48 -1.04
C ARG A 23 19.10 -0.47 -1.64
N ALA A 24 19.27 -0.50 -2.97
CA ALA A 24 20.17 0.43 -3.64
C ALA A 24 20.17 0.21 -5.16
N SER A 25 20.33 -1.05 -5.56
CA SER A 25 20.36 -1.40 -6.98
C SER A 25 18.98 -1.26 -7.62
N LEU A 26 18.94 -0.55 -8.75
CA LEU A 26 17.69 -0.34 -9.49
C LEU A 26 17.94 0.37 -10.82
N PRO A 27 18.78 -0.22 -11.70
CA PRO A 27 19.12 0.36 -13.01
C PRO A 27 17.88 0.67 -13.85
N LYS A 28 16.93 -0.27 -13.88
CA LYS A 28 15.68 -0.07 -14.65
C LYS A 28 14.66 -1.17 -14.33
N VAL A 29 15.12 -2.43 -14.30
CA VAL A 29 14.24 -3.56 -14.02
C VAL A 29 13.58 -3.43 -12.64
N SER A 30 14.37 -3.08 -11.63
CA SER A 30 13.86 -2.93 -10.27
C SER A 30 13.01 -1.67 -10.14
N TYR A 31 13.46 -0.58 -10.77
CA TYR A 31 12.74 0.69 -10.73
C TYR A 31 11.34 0.58 -11.34
N VAL A 32 11.26 0.03 -12.56
CA VAL A 32 9.99 -0.14 -13.24
C VAL A 32 9.06 -1.08 -12.49
N LYS A 33 9.61 -2.20 -12.01
CA LYS A 33 8.85 -3.17 -11.24
C LYS A 33 8.35 -2.55 -9.94
N ALA A 34 9.24 -1.83 -9.25
CA ALA A 34 8.90 -1.17 -8.00
C ALA A 34 7.74 -0.22 -8.17
N ILE A 35 7.80 0.61 -9.22
CA ILE A 35 6.73 1.53 -9.51
C ILE A 35 5.64 0.86 -10.30
N ASP A 36 4.96 -0.01 -9.57
CA ASP A 36 3.84 -0.84 -10.06
C ASP A 36 3.50 -1.94 -9.06
N ILE A 37 4.52 -2.45 -8.37
CA ILE A 37 4.34 -3.51 -7.37
C ILE A 37 3.76 -2.97 -6.08
N TRP A 38 4.43 -1.98 -5.49
CA TRP A 38 3.95 -1.36 -4.26
C TRP A 38 2.89 -0.35 -4.59
N LEU A 39 3.00 0.33 -5.74
CA LEU A 39 1.97 1.27 -6.11
C LEU A 39 0.63 0.53 -6.13
N ALA A 40 0.70 -0.76 -6.46
CA ALA A 40 -0.48 -1.62 -6.44
C ALA A 40 -1.09 -1.62 -5.02
N VAL A 41 -0.22 -1.41 -4.03
CA VAL A 41 -0.61 -1.36 -2.62
C VAL A 41 -0.90 0.09 -2.24
N CYS A 42 0.04 0.97 -2.60
CA CYS A 42 -0.10 2.40 -2.29
C CYS A 42 -1.35 2.99 -2.96
N LEU A 43 -1.61 2.57 -4.19
CA LEU A 43 -2.78 3.04 -4.95
C LEU A 43 -4.08 2.52 -4.34
N LEU A 44 -4.16 1.19 -4.18
CA LEU A 44 -5.36 0.55 -3.62
C LEU A 44 -5.63 0.98 -2.18
N PHE A 45 -4.58 1.00 -1.36
CA PHE A 45 -4.69 1.37 0.05
C PHE A 45 -5.10 2.83 0.24
N VAL A 46 -4.39 3.74 -0.42
CA VAL A 46 -4.69 5.17 -0.30
C VAL A 46 -6.08 5.50 -0.84
N PHE A 47 -6.38 5.01 -2.05
CA PHE A 47 -7.68 5.25 -2.69
C PHE A 47 -8.81 4.68 -1.83
N SER A 48 -8.64 3.45 -1.34
CA SER A 48 -9.65 2.81 -0.51
C SER A 48 -9.86 3.57 0.80
N ALA A 49 -8.76 4.04 1.40
CA ALA A 49 -8.82 4.78 2.65
C ALA A 49 -9.49 6.14 2.49
N LEU A 50 -9.11 6.89 1.45
CA LEU A 50 -9.72 8.19 1.22
C LEU A 50 -11.20 8.02 0.89
N LEU A 51 -11.51 6.96 0.13
CA LEU A 51 -12.90 6.64 -0.18
C LEU A 51 -13.60 6.19 1.10
N GLU A 52 -12.80 5.70 2.07
CA GLU A 52 -13.32 5.23 3.34
C GLU A 52 -13.89 6.41 4.12
N TYR A 53 -13.14 7.51 4.18
CA TYR A 53 -13.58 8.70 4.87
C TYR A 53 -14.67 9.39 4.09
N ALA A 54 -14.48 9.46 2.80
CA ALA A 54 -15.47 10.10 1.96
C ALA A 54 -16.82 9.42 2.18
N ALA A 55 -16.78 8.15 2.59
CA ALA A 55 -17.99 7.40 2.91
C ALA A 55 -18.40 7.75 4.33
N VAL A 56 -17.40 8.07 5.13
CA VAL A 56 -17.61 8.53 6.49
C VAL A 56 -18.71 9.59 6.43
N ASN A 57 -18.65 10.37 5.33
CA ASN A 57 -19.64 11.41 5.04
C ASN A 57 -20.85 10.81 4.32
N PHE A 58 -20.62 9.79 3.47
CA PHE A 58 -21.72 9.15 2.75
C PHE A 58 -22.64 8.41 3.71
N VAL A 59 -22.07 7.46 4.45
CA VAL A 59 -22.82 6.67 5.42
C VAL A 59 -23.26 7.53 6.62
N SER A 60 -22.34 8.38 7.09
CA SER A 60 -22.60 9.26 8.24
C SER A 60 -22.72 8.47 9.54
N ARG A 61 -21.97 8.90 10.55
CA ARG A 61 -21.99 8.24 11.86
C ARG A 61 -23.31 8.50 12.57
N LEU A 1 -9.55 -11.60 14.57
CA LEU A 1 -9.92 -10.97 13.26
C LEU A 1 -9.31 -9.57 13.11
N PRO A 2 -9.45 -8.68 14.12
CA PRO A 2 -8.91 -7.32 14.06
C PRO A 2 -7.41 -7.31 13.81
N ALA A 3 -6.68 -8.15 14.56
CA ALA A 3 -5.23 -8.25 14.40
C ALA A 3 -4.86 -8.76 13.01
N ARG A 4 -5.67 -9.68 12.48
CA ARG A 4 -5.43 -10.22 11.14
C ARG A 4 -5.32 -9.09 10.12
N VAL A 5 -6.08 -8.02 10.37
CA VAL A 5 -6.05 -6.84 9.50
C VAL A 5 -4.68 -6.20 9.54
N GLY A 6 -4.42 -5.55 10.67
CA GLY A 6 -3.16 -4.87 10.88
C GLY A 6 -1.93 -5.72 10.57
N LEU A 7 -2.02 -7.04 10.79
CA LEU A 7 -0.90 -7.92 10.53
C LEU A 7 -0.67 -8.06 9.02
N GLY A 8 -1.77 -8.27 8.29
CA GLY A 8 -1.70 -8.39 6.85
C GLY A 8 -1.17 -7.13 6.19
N ILE A 9 -1.69 -5.98 6.63
CA ILE A 9 -1.29 -4.69 6.11
C ILE A 9 0.19 -4.44 6.41
N THR A 10 0.61 -4.71 7.64
CA THR A 10 1.98 -4.52 8.05
C THR A 10 2.91 -5.45 7.25
N THR A 11 2.39 -6.59 6.83
CA THR A 11 3.17 -7.48 6.00
C THR A 11 3.37 -6.79 4.67
N VAL A 12 2.31 -6.08 4.26
CA VAL A 12 2.29 -5.33 3.01
C VAL A 12 3.16 -4.07 3.05
N LEU A 13 3.09 -3.28 4.13
CA LEU A 13 3.87 -2.05 4.20
C LEU A 13 5.36 -2.37 4.32
N THR A 14 5.69 -3.54 4.89
CA THR A 14 7.07 -3.96 5.03
C THR A 14 7.61 -4.36 3.66
N LEU A 15 6.84 -5.21 2.96
CA LEU A 15 7.22 -5.63 1.64
C LEU A 15 7.16 -4.46 0.68
N THR A 16 6.31 -3.45 1.00
CA THR A 16 6.19 -2.26 0.19
C THR A 16 7.48 -1.47 0.23
N THR A 17 8.04 -1.34 1.45
CA THR A 17 9.31 -0.66 1.62
C THR A 17 10.34 -1.35 0.74
N GLN A 18 10.27 -2.69 0.71
CA GLN A 18 11.16 -3.50 -0.11
C GLN A 18 10.79 -3.36 -1.60
N SER A 19 9.47 -3.28 -1.88
CA SER A 19 8.97 -3.14 -3.25
C SER A 19 9.63 -1.97 -3.97
N SER A 20 9.62 -0.80 -3.33
CA SER A 20 10.23 0.40 -3.90
C SER A 20 11.74 0.23 -4.07
N GLY A 21 12.39 -0.25 -3.00
CA GLY A 21 13.83 -0.47 -3.05
C GLY A 21 14.42 -0.70 -1.66
N SER A 22 14.38 0.36 -0.83
CA SER A 22 14.90 0.31 0.54
C SER A 22 16.29 -0.32 0.58
N ARG A 23 17.21 0.18 -0.25
CA ARG A 23 18.55 -0.35 -0.30
C ARG A 23 19.50 0.55 -1.10
N ALA A 24 19.49 0.39 -2.44
CA ALA A 24 20.36 1.19 -3.31
C ALA A 24 20.26 0.71 -4.76
N SER A 25 20.30 -0.61 -4.96
CA SER A 25 20.23 -1.19 -6.30
C SER A 25 18.96 -0.74 -7.02
N LEU A 26 19.12 -0.33 -8.29
CA LEU A 26 18.00 0.13 -9.09
C LEU A 26 18.40 0.24 -10.57
N PRO A 27 18.84 -0.88 -11.19
CA PRO A 27 19.27 -0.91 -12.59
C PRO A 27 18.11 -1.00 -13.59
N LYS A 28 17.09 -0.14 -13.39
CA LYS A 28 15.90 -0.09 -14.26
C LYS A 28 14.95 -1.26 -13.99
N VAL A 29 15.49 -2.48 -13.98
CA VAL A 29 14.70 -3.68 -13.75
C VAL A 29 13.89 -3.57 -12.45
N SER A 30 14.54 -3.11 -11.39
CA SER A 30 13.88 -2.95 -10.09
C SER A 30 12.96 -1.73 -10.10
N TYR A 31 13.40 -0.67 -10.78
CA TYR A 31 12.63 0.58 -10.87
C TYR A 31 11.25 0.36 -11.50
N VAL A 32 11.22 -0.30 -12.65
CA VAL A 32 9.96 -0.56 -13.35
C VAL A 32 9.06 -1.49 -12.54
N LYS A 33 9.64 -2.54 -11.96
CA LYS A 33 8.87 -3.49 -11.15
C LYS A 33 8.36 -2.82 -9.87
N ALA A 34 9.24 -2.07 -9.21
CA ALA A 34 8.89 -1.37 -7.97
C ALA A 34 7.74 -0.40 -8.20
N ILE A 35 7.83 0.39 -9.27
CA ILE A 35 6.77 1.34 -9.59
C ILE A 35 5.65 0.69 -10.37
N ASP A 36 5.04 -0.24 -9.66
CA ASP A 36 3.91 -1.05 -10.15
C ASP A 36 3.47 -2.07 -9.10
N ILE A 37 4.45 -2.62 -8.36
CA ILE A 37 4.20 -3.62 -7.33
C ILE A 37 3.65 -2.99 -6.07
N TRP A 38 4.40 -2.07 -5.46
CA TRP A 38 3.94 -1.41 -4.26
C TRP A 38 2.92 -0.36 -4.62
N LEU A 39 3.08 0.28 -5.79
CA LEU A 39 2.10 1.27 -6.22
C LEU A 39 0.73 0.62 -6.20
N ALA A 40 0.70 -0.71 -6.38
CA ALA A 40 -0.53 -1.48 -6.32
C ALA A 40 -1.09 -1.44 -4.90
N VAL A 41 -0.18 -1.45 -3.92
CA VAL A 41 -0.54 -1.36 -2.50
C VAL A 41 -0.85 0.09 -2.19
N CYS A 42 0.06 0.98 -2.61
CA CYS A 42 -0.10 2.41 -2.39
C CYS A 42 -1.38 2.93 -3.07
N LEU A 43 -1.69 2.39 -4.25
CA LEU A 43 -2.88 2.80 -4.99
C LEU A 43 -4.16 2.32 -4.30
N LEU A 44 -4.19 1.04 -3.92
CA LEU A 44 -5.36 0.47 -3.25
C LEU A 44 -5.55 1.04 -1.85
N PHE A 45 -4.46 1.09 -1.08
CA PHE A 45 -4.50 1.59 0.29
C PHE A 45 -4.90 3.06 0.36
N VAL A 46 -4.25 3.91 -0.46
CA VAL A 46 -4.56 5.33 -0.48
C VAL A 46 -5.98 5.59 -0.97
N PHE A 47 -6.33 5.02 -2.13
CA PHE A 47 -7.67 5.19 -2.68
C PHE A 47 -8.74 4.73 -1.70
N SER A 48 -8.53 3.55 -1.12
CA SER A 48 -9.48 2.99 -0.14
C SER A 48 -9.64 3.93 1.06
N ALA A 49 -8.56 4.58 1.46
CA ALA A 49 -8.57 5.51 2.59
C ALA A 49 -9.44 6.73 2.30
N LEU A 50 -9.26 7.33 1.12
CA LEU A 50 -10.06 8.50 0.74
C LEU A 50 -11.52 8.08 0.64
N LEU A 51 -11.75 6.94 0.01
CA LEU A 51 -13.08 6.38 -0.11
C LEU A 51 -13.61 6.00 1.28
N GLU A 52 -12.67 5.81 2.22
CA GLU A 52 -13.03 5.46 3.59
C GLU A 52 -13.71 6.65 4.26
N TYR A 53 -13.12 7.83 4.10
CA TYR A 53 -13.69 9.04 4.67
C TYR A 53 -14.91 9.46 3.88
N ALA A 54 -14.82 9.36 2.59
CA ALA A 54 -15.94 9.73 1.76
C ALA A 54 -17.17 8.91 2.17
N ALA A 55 -16.91 7.72 2.74
CA ALA A 55 -17.98 6.87 3.25
C ALA A 55 -18.34 7.35 4.64
N VAL A 56 -17.36 7.93 5.30
CA VAL A 56 -17.54 8.53 6.60
C VAL A 56 -18.80 9.39 6.50
N ASN A 57 -18.92 10.04 5.32
CA ASN A 57 -20.06 10.87 4.98
C ASN A 57 -21.22 10.00 4.48
N PHE A 58 -20.90 8.91 3.74
CA PHE A 58 -21.93 8.02 3.23
C PHE A 58 -22.65 7.32 4.37
N VAL A 59 -21.89 6.63 5.23
CA VAL A 59 -22.44 5.93 6.38
C VAL A 59 -23.08 6.90 7.37
N SER A 60 -22.36 7.99 7.69
CA SER A 60 -22.87 8.98 8.64
C SER A 60 -22.92 10.36 8.00
N ARG A 61 -24.13 10.93 7.93
CA ARG A 61 -24.32 12.26 7.34
C ARG A 61 -24.10 13.35 8.39
N LEU A 1 -11.55 -10.26 13.73
CA LEU A 1 -10.16 -10.50 13.22
C LEU A 1 -9.37 -9.20 13.13
N PRO A 2 -9.29 -8.42 14.23
CA PRO A 2 -8.56 -7.15 14.26
C PRO A 2 -7.05 -7.35 14.04
N ALA A 3 -6.48 -8.31 14.76
CA ALA A 3 -5.06 -8.62 14.64
C ALA A 3 -4.69 -9.02 13.21
N ARG A 4 -5.58 -9.78 12.56
CA ARG A 4 -5.33 -10.21 11.19
C ARG A 4 -5.22 -9.02 10.24
N VAL A 5 -5.95 -7.95 10.54
CA VAL A 5 -5.90 -6.75 9.71
C VAL A 5 -4.51 -6.13 9.79
N GLY A 6 -4.11 -5.86 11.02
CA GLY A 6 -2.81 -5.26 11.30
C GLY A 6 -1.66 -6.11 10.80
N LEU A 7 -1.78 -7.44 10.92
CA LEU A 7 -0.72 -8.34 10.47
C LEU A 7 -0.60 -8.32 8.95
N GLY A 8 -1.76 -8.38 8.29
CA GLY A 8 -1.79 -8.36 6.83
C GLY A 8 -1.21 -7.07 6.28
N ILE A 9 -1.62 -5.93 6.83
CA ILE A 9 -1.13 -4.64 6.40
C ILE A 9 0.36 -4.51 6.66
N THR A 10 0.82 -4.93 7.84
CA THR A 10 2.22 -4.87 8.20
C THR A 10 3.04 -5.75 7.26
N THR A 11 2.43 -6.78 6.71
CA THR A 11 3.10 -7.62 5.75
C THR A 11 3.27 -6.78 4.49
N VAL A 12 2.20 -6.02 4.21
CA VAL A 12 2.16 -5.14 3.05
C VAL A 12 3.11 -3.95 3.15
N LEU A 13 3.20 -3.30 4.31
CA LEU A 13 4.06 -2.16 4.48
C LEU A 13 5.53 -2.59 4.43
N THR A 14 5.80 -3.84 4.86
CA THR A 14 7.14 -4.37 4.80
C THR A 14 7.53 -4.44 3.33
N LEU A 15 6.63 -5.04 2.54
CA LEU A 15 6.82 -5.15 1.10
C LEU A 15 6.85 -3.76 0.47
N THR A 16 6.05 -2.83 0.99
CA THR A 16 6.03 -1.47 0.48
C THR A 16 7.45 -0.92 0.44
N THR A 17 8.21 -1.20 1.50
CA THR A 17 9.60 -0.76 1.61
C THR A 17 10.51 -1.55 0.66
N GLN A 18 10.35 -2.88 0.66
CA GLN A 18 11.18 -3.77 -0.18
C GLN A 18 10.83 -3.63 -1.67
N SER A 19 9.57 -3.91 -2.02
CA SER A 19 9.10 -3.83 -3.41
C SER A 19 9.58 -2.55 -4.10
N SER A 20 9.55 -1.43 -3.37
CA SER A 20 10.00 -0.15 -3.92
C SER A 20 11.52 -0.18 -4.16
N GLY A 21 12.26 -0.60 -3.15
CA GLY A 21 13.72 -0.68 -3.26
C GLY A 21 14.39 -0.86 -1.91
N SER A 22 14.37 0.21 -1.12
CA SER A 22 14.98 0.22 0.22
C SER A 22 16.36 -0.44 0.22
N ARG A 23 17.20 -0.01 -0.72
CA ARG A 23 18.54 -0.57 -0.83
C ARG A 23 19.51 0.41 -1.52
N ALA A 24 19.38 0.53 -2.84
CA ALA A 24 20.24 1.43 -3.62
C ALA A 24 20.12 1.16 -5.12
N SER A 25 20.12 -0.13 -5.48
CA SER A 25 20.03 -0.53 -6.89
C SER A 25 18.79 0.06 -7.57
N LEU A 26 19.01 0.68 -8.72
CA LEU A 26 17.93 1.31 -9.49
C LEU A 26 18.33 1.44 -10.96
N PRO A 27 18.53 0.31 -11.66
CA PRO A 27 18.93 0.30 -13.08
C PRO A 27 17.79 0.74 -14.00
N LYS A 28 16.69 0.00 -13.98
CA LYS A 28 15.52 0.30 -14.81
C LYS A 28 14.40 -0.70 -14.56
N VAL A 29 14.72 -1.99 -14.66
CA VAL A 29 13.75 -3.06 -14.44
C VAL A 29 13.15 -2.98 -13.03
N SER A 30 14.02 -2.78 -12.04
CA SER A 30 13.58 -2.68 -10.65
C SER A 30 12.76 -1.41 -10.43
N TYR A 31 13.19 -0.31 -11.08
CA TYR A 31 12.50 0.97 -10.97
C TYR A 31 11.07 0.90 -11.48
N VAL A 32 10.88 0.39 -12.71
CA VAL A 32 9.57 0.28 -13.31
C VAL A 32 8.66 -0.65 -12.53
N LYS A 33 9.19 -1.80 -12.09
CA LYS A 33 8.41 -2.76 -11.32
C LYS A 33 8.10 -2.22 -9.93
N ALA A 34 9.12 -1.66 -9.26
CA ALA A 34 8.94 -1.08 -7.93
C ALA A 34 7.81 -0.06 -7.98
N ILE A 35 7.86 0.80 -8.99
CA ILE A 35 6.83 1.80 -9.19
C ILE A 35 5.71 1.20 -10.01
N ASP A 36 5.12 0.20 -9.37
CA ASP A 36 4.03 -0.60 -9.94
C ASP A 36 3.58 -1.68 -8.94
N ILE A 37 4.56 -2.26 -8.24
CA ILE A 37 4.31 -3.33 -7.27
C ILE A 37 3.74 -2.78 -5.97
N TRP A 38 4.49 -1.88 -5.33
CA TRP A 38 4.01 -1.28 -4.10
C TRP A 38 2.99 -0.21 -4.42
N LEU A 39 3.16 0.48 -5.54
CA LEU A 39 2.20 1.49 -5.92
C LEU A 39 0.83 0.84 -5.96
N ALA A 40 0.82 -0.48 -6.19
CA ALA A 40 -0.41 -1.27 -6.18
C ALA A 40 -1.01 -1.27 -4.77
N VAL A 41 -0.12 -1.34 -3.78
CA VAL A 41 -0.51 -1.29 -2.35
C VAL A 41 -0.82 0.15 -1.99
N CYS A 42 0.09 1.04 -2.37
CA CYS A 42 -0.07 2.47 -2.10
C CYS A 42 -1.33 3.01 -2.81
N LEU A 43 -1.60 2.54 -4.03
CA LEU A 43 -2.76 2.96 -4.80
C LEU A 43 -4.06 2.43 -4.20
N LEU A 44 -4.09 1.14 -3.85
CA LEU A 44 -5.28 0.52 -3.26
C LEU A 44 -5.56 1.05 -1.86
N PHE A 45 -4.51 1.10 -1.04
CA PHE A 45 -4.64 1.55 0.35
C PHE A 45 -5.06 3.02 0.44
N VAL A 46 -4.35 3.90 -0.27
CA VAL A 46 -4.68 5.33 -0.26
C VAL A 46 -6.06 5.58 -0.84
N PHE A 47 -6.33 5.00 -2.00
CA PHE A 47 -7.63 5.15 -2.66
C PHE A 47 -8.76 4.69 -1.75
N SER A 48 -8.60 3.49 -1.16
CA SER A 48 -9.60 2.94 -0.26
C SER A 48 -9.81 3.84 0.95
N ALA A 49 -8.72 4.44 1.44
CA ALA A 49 -8.77 5.34 2.60
C ALA A 49 -9.56 6.60 2.26
N LEU A 50 -9.33 7.17 1.07
CA LEU A 50 -10.08 8.35 0.66
C LEU A 50 -11.54 7.98 0.55
N LEU A 51 -11.79 6.81 -0.02
CA LEU A 51 -13.13 6.27 -0.14
C LEU A 51 -13.70 5.99 1.24
N GLU A 52 -12.80 5.79 2.22
CA GLU A 52 -13.20 5.52 3.59
C GLU A 52 -13.85 6.76 4.20
N TYR A 53 -13.20 7.91 4.00
CA TYR A 53 -13.72 9.16 4.50
C TYR A 53 -14.93 9.60 3.68
N ALA A 54 -14.81 9.44 2.39
CA ALA A 54 -15.90 9.81 1.52
C ALA A 54 -17.17 9.05 1.97
N ALA A 55 -16.96 7.88 2.58
CA ALA A 55 -18.07 7.09 3.11
C ALA A 55 -18.43 7.64 4.46
N VAL A 56 -17.44 8.21 5.14
CA VAL A 56 -17.61 8.87 6.40
C VAL A 56 -18.83 9.79 6.24
N ASN A 57 -18.92 10.37 5.03
CA ASN A 57 -20.01 11.24 4.64
C ASN A 57 -21.20 10.40 4.13
N PHE A 58 -20.92 9.27 3.44
CA PHE A 58 -21.98 8.41 2.93
C PHE A 58 -22.75 7.76 4.08
N VAL A 59 -22.04 7.04 4.94
CA VAL A 59 -22.66 6.38 6.08
C VAL A 59 -23.13 7.40 7.12
N SER A 60 -22.29 8.40 7.40
CA SER A 60 -22.60 9.45 8.38
C SER A 60 -22.63 8.91 9.81
N ARG A 61 -21.95 9.61 10.71
CA ARG A 61 -21.90 9.21 12.11
C ARG A 61 -23.27 9.38 12.81
N LEU A 1 -11.70 -10.63 13.72
CA LEU A 1 -10.28 -10.69 13.25
C LEU A 1 -9.68 -9.29 13.04
N PRO A 2 -9.71 -8.43 14.09
CA PRO A 2 -9.15 -7.07 13.99
C PRO A 2 -7.65 -7.09 13.71
N ALA A 3 -6.94 -7.97 14.42
CA ALA A 3 -5.49 -8.10 14.25
C ALA A 3 -5.14 -8.52 12.82
N ARG A 4 -5.99 -9.36 12.21
CA ARG A 4 -5.76 -9.81 10.84
C ARG A 4 -5.59 -8.61 9.91
N VAL A 5 -6.29 -7.52 10.23
CA VAL A 5 -6.19 -6.30 9.45
C VAL A 5 -4.78 -5.73 9.51
N GLY A 6 -4.46 -5.20 10.68
CA GLY A 6 -3.16 -4.62 10.93
C GLY A 6 -2.00 -5.53 10.57
N LEU A 7 -2.18 -6.85 10.71
CA LEU A 7 -1.12 -7.80 10.39
C LEU A 7 -0.91 -7.86 8.88
N GLY A 8 -2.01 -7.96 8.14
CA GLY A 8 -1.96 -8.02 6.69
C GLY A 8 -1.35 -6.76 6.09
N ILE A 9 -1.78 -5.60 6.58
CA ILE A 9 -1.29 -4.33 6.12
C ILE A 9 0.20 -4.17 6.45
N THR A 10 0.60 -4.55 7.66
CA THR A 10 1.98 -4.47 8.07
C THR A 10 2.85 -5.40 7.21
N THR A 11 2.25 -6.46 6.71
CA THR A 11 2.95 -7.35 5.83
C THR A 11 3.19 -6.60 4.54
N VAL A 12 2.16 -5.80 4.19
CA VAL A 12 2.18 -4.98 2.99
C VAL A 12 3.13 -3.79 3.08
N LEU A 13 3.16 -3.07 4.21
CA LEU A 13 4.02 -1.92 4.34
C LEU A 13 5.49 -2.36 4.41
N THR A 14 5.74 -3.57 4.94
CA THR A 14 7.08 -4.11 5.00
C THR A 14 7.56 -4.41 3.59
N LEU A 15 6.71 -5.13 2.85
CA LEU A 15 7.02 -5.45 1.47
C LEU A 15 6.98 -4.19 0.63
N THR A 16 6.21 -3.18 1.06
CA THR A 16 6.13 -1.91 0.35
C THR A 16 7.53 -1.30 0.30
N THR A 17 8.22 -1.35 1.44
CA THR A 17 9.57 -0.85 1.53
C THR A 17 10.49 -1.67 0.62
N GLN A 18 10.26 -2.98 0.58
CA GLN A 18 11.06 -3.88 -0.26
C GLN A 18 10.78 -3.66 -1.75
N SER A 19 9.51 -3.68 -2.13
CA SER A 19 9.08 -3.50 -3.53
C SER A 19 9.68 -2.22 -4.13
N SER A 20 9.61 -1.10 -3.39
CA SER A 20 10.16 0.17 -3.87
C SER A 20 11.66 0.10 -4.13
N GLY A 21 12.38 -0.62 -3.26
CA GLY A 21 13.82 -0.76 -3.41
C GLY A 21 14.27 -2.21 -3.49
N SER A 22 13.60 -2.99 -4.35
CA SER A 22 13.92 -4.40 -4.53
C SER A 22 15.15 -4.60 -5.42
N ARG A 23 16.24 -3.91 -5.07
CA ARG A 23 17.49 -4.00 -5.84
C ARG A 23 18.58 -3.12 -5.25
N ALA A 24 18.19 -1.88 -4.90
CA ALA A 24 19.11 -0.88 -4.33
C ALA A 24 19.74 -0.05 -5.44
N SER A 25 20.06 -0.72 -6.56
CA SER A 25 20.65 -0.06 -7.71
C SER A 25 19.58 0.63 -8.55
N LEU A 26 18.48 -0.09 -8.80
CA LEU A 26 17.36 0.42 -9.59
C LEU A 26 17.81 0.75 -11.02
N PRO A 27 18.33 -0.27 -11.75
CA PRO A 27 18.80 -0.10 -13.13
C PRO A 27 17.65 -0.05 -14.16
N LYS A 28 16.63 0.76 -13.86
CA LYS A 28 15.46 0.93 -14.73
C LYS A 28 14.50 -0.26 -14.61
N VAL A 29 15.04 -1.46 -14.74
CA VAL A 29 14.23 -2.69 -14.66
C VAL A 29 13.55 -2.84 -13.30
N SER A 30 14.29 -2.62 -12.22
CA SER A 30 13.76 -2.73 -10.87
C SER A 30 13.02 -1.45 -10.45
N TYR A 31 13.38 -0.32 -11.07
CA TYR A 31 12.75 0.97 -10.76
C TYR A 31 11.34 1.03 -11.34
N VAL A 32 11.21 0.62 -12.60
CA VAL A 32 9.93 0.62 -13.29
C VAL A 32 8.93 -0.32 -12.62
N LYS A 33 9.39 -1.52 -12.27
CA LYS A 33 8.52 -2.50 -11.62
C LYS A 33 8.20 -2.07 -10.20
N ALA A 34 9.22 -1.62 -9.45
CA ALA A 34 9.02 -1.15 -8.08
C ALA A 34 7.95 -0.08 -8.06
N ILE A 35 8.06 0.88 -8.98
CA ILE A 35 7.08 1.93 -9.10
C ILE A 35 5.95 1.47 -10.00
N ASP A 36 5.29 0.45 -9.49
CA ASP A 36 4.18 -0.22 -10.17
C ASP A 36 3.63 -1.37 -9.30
N ILE A 37 4.56 -2.09 -8.66
CA ILE A 37 4.22 -3.24 -7.82
C ILE A 37 3.64 -2.79 -6.49
N TRP A 38 4.41 -2.03 -5.72
CA TRP A 38 3.92 -1.55 -4.44
C TRP A 38 2.98 -0.39 -4.66
N LEU A 39 3.23 0.42 -5.69
CA LEU A 39 2.33 1.51 -5.98
C LEU A 39 0.92 0.93 -6.12
N ALA A 40 0.86 -0.35 -6.47
CA ALA A 40 -0.41 -1.07 -6.57
C ALA A 40 -1.03 -1.19 -5.18
N VAL A 41 -0.17 -1.42 -4.18
CA VAL A 41 -0.57 -1.51 -2.78
C VAL A 41 -0.84 -0.10 -2.26
N CYS A 42 0.11 0.79 -2.52
CA CYS A 42 0.00 2.19 -2.11
C CYS A 42 -1.22 2.85 -2.77
N LEU A 43 -1.48 2.51 -4.05
CA LEU A 43 -2.60 3.08 -4.79
C LEU A 43 -3.94 2.53 -4.28
N LEU A 44 -4.02 1.22 -4.08
CA LEU A 44 -5.25 0.58 -3.61
C LEU A 44 -5.55 0.95 -2.16
N PHE A 45 -4.52 0.87 -1.32
CA PHE A 45 -4.67 1.17 0.10
C PHE A 45 -5.03 2.63 0.36
N VAL A 46 -4.29 3.56 -0.25
CA VAL A 46 -4.56 4.99 -0.09
C VAL A 46 -5.92 5.36 -0.67
N PHE A 47 -6.18 4.93 -1.90
CA PHE A 47 -7.46 5.21 -2.56
C PHE A 47 -8.64 4.70 -1.72
N SER A 48 -8.54 3.45 -1.28
CA SER A 48 -9.60 2.84 -0.46
C SER A 48 -9.79 3.62 0.85
N ALA A 49 -8.68 4.08 1.43
CA ALA A 49 -8.73 4.85 2.67
C ALA A 49 -9.45 6.17 2.49
N LEU A 50 -9.14 6.88 1.39
CA LEU A 50 -9.80 8.14 1.10
C LEU A 50 -11.28 7.89 0.90
N LEU A 51 -11.59 6.84 0.16
CA LEU A 51 -12.97 6.44 -0.07
C LEU A 51 -13.59 5.95 1.25
N GLU A 52 -12.73 5.59 2.22
CA GLU A 52 -13.20 5.12 3.51
C GLU A 52 -13.80 6.28 4.28
N TYR A 53 -13.09 7.41 4.30
CA TYR A 53 -13.58 8.60 4.97
C TYR A 53 -14.69 9.25 4.18
N ALA A 54 -14.52 9.26 2.89
CA ALA A 54 -15.54 9.85 2.04
C ALA A 54 -16.86 9.13 2.28
N ALA A 55 -16.76 7.85 2.68
CA ALA A 55 -17.94 7.07 3.03
C ALA A 55 -18.36 7.43 4.43
N VAL A 56 -17.37 7.84 5.23
CA VAL A 56 -17.60 8.30 6.57
C VAL A 56 -18.76 9.31 6.47
N ASN A 57 -18.69 10.11 5.39
CA ASN A 57 -19.72 11.08 5.06
C ASN A 57 -20.94 10.37 4.47
N PHE A 58 -20.70 9.34 3.63
CA PHE A 58 -21.81 8.59 3.03
C PHE A 58 -22.65 7.93 4.11
N VAL A 59 -22.01 7.03 4.86
CA VAL A 59 -22.68 6.31 5.94
C VAL A 59 -23.35 7.26 6.93
N SER A 60 -22.61 8.27 7.41
CA SER A 60 -23.16 9.24 8.37
C SER A 60 -22.14 10.33 8.71
N ARG A 61 -21.08 9.94 9.42
CA ARG A 61 -20.04 10.87 9.82
C ARG A 61 -18.70 10.16 10.07
#